data_3KFD
#
_entry.id   3KFD
#
_cell.length_a   37.70
_cell.length_b   99.35
_cell.length_c   102.7
_cell.angle_alpha   64.01
_cell.angle_beta   84.47
_cell.angle_gamma   84.34
#
_symmetry.space_group_name_H-M   'P 1'
#
loop_
_entity.id
_entity.type
_entity.pdbx_description
1 polymer 'Transforming growth factor beta-1'
2 polymer 'TGF-beta receptor type-2'
3 polymer 'TGF-beta receptor type-1'
4 water water
#
loop_
_entity_poly.entity_id
_entity_poly.type
_entity_poly.pdbx_seq_one_letter_code
_entity_poly.pdbx_strand_id
1 'polypeptide(L)'
;ALDTNYCFSSTEKNCCVRQLYIDFRKDLGWKWIHEPKGYHANFCLGPCPYIWSLDTQYSKVLALYNQHNPGASAAPCCVP
QALEPLPIVYYVGRKPKVEQLSNMIVRSCKCS
;
A,B,C,D
2 'polypeptide(L)'
;VTDNNGAVKFPQLCKFCDVRFSTCDNQKSCMSNCSITSICEKPQEVCVAVWRKNDENITLETVCHDPKLPYHDFILEDAA
SPKCIMKEKKKPGETFFMCSCSSDECNDNIIFSEEY
;
E,F,G,H
3 'polypeptide(L)'
;ATALQCFCHLCTKDNFTCVTDGLCFVSVTETTDKVIHNSMCIAEIDLIPRDRPFVCAPSSKTGSVTTTYCCNQDHCNKIE
LPTTV
;
I,J,K,L
#
# COMPACT_ATOMS: atom_id res chain seq x y z
N ALA A 1 -13.72 -16.28 -3.51
CA ALA A 1 -12.62 -17.10 -3.03
C ALA A 1 -11.27 -16.47 -3.34
N LEU A 2 -10.62 -15.94 -2.31
CA LEU A 2 -9.36 -15.22 -2.48
C LEU A 2 -9.56 -13.95 -3.30
N ASP A 3 -10.65 -13.24 -3.03
CA ASP A 3 -10.91 -11.96 -3.67
C ASP A 3 -10.62 -10.83 -2.69
N THR A 4 -10.78 -9.59 -3.15
CA THR A 4 -10.54 -8.43 -2.30
C THR A 4 -11.49 -8.44 -1.10
N ASN A 5 -12.68 -8.99 -1.29
CA ASN A 5 -13.65 -9.08 -0.20
C ASN A 5 -13.06 -9.78 1.02
N TYR A 6 -12.26 -10.82 0.78
CA TYR A 6 -11.65 -11.58 1.86
C TYR A 6 -10.27 -11.03 2.22
N CYS A 7 -9.40 -10.92 1.22
CA CYS A 7 -8.01 -10.53 1.44
C CYS A 7 -7.87 -9.17 2.11
N PHE A 8 -8.69 -8.22 1.68
CA PHE A 8 -8.65 -6.87 2.24
C PHE A 8 -9.29 -6.82 3.62
N SER A 9 -10.19 -7.76 3.88
CA SER A 9 -10.92 -7.78 5.14
C SER A 9 -10.19 -8.58 6.22
N SER A 10 -9.43 -9.57 5.81
CA SER A 10 -8.68 -10.40 6.76
C SER A 10 -7.18 -10.18 6.59
N THR A 11 -6.40 -10.97 7.33
CA THR A 11 -4.95 -10.83 7.29
C THR A 11 -4.26 -12.18 7.36
N GLU A 12 -3.41 -12.45 6.37
CA GLU A 12 -2.65 -13.70 6.37
C GLU A 12 -1.51 -13.69 5.35
N LYS A 13 -0.58 -14.61 5.53
CA LYS A 13 0.64 -14.64 4.76
C LYS A 13 0.51 -15.39 3.44
N ASN A 14 -0.48 -16.27 3.35
CA ASN A 14 -0.66 -17.07 2.14
C ASN A 14 -1.14 -16.25 0.95
N CYS A 15 -0.99 -16.81 -0.25
CA CYS A 15 -1.38 -16.15 -1.49
C CYS A 15 -2.71 -15.42 -1.36
N CYS A 16 -2.69 -14.13 -1.68
CA CYS A 16 -3.88 -13.30 -1.55
C CYS A 16 -3.66 -12.01 -2.34
N VAL A 17 -4.74 -11.30 -2.64
CA VAL A 17 -4.61 -10.05 -3.39
C VAL A 17 -4.14 -8.92 -2.48
N ARG A 18 -3.06 -8.27 -2.88
CA ARG A 18 -2.45 -7.21 -2.09
C ARG A 18 -2.72 -5.84 -2.71
N GLN A 19 -2.42 -4.79 -1.95
CA GLN A 19 -2.64 -3.42 -2.43
C GLN A 19 -1.50 -3.02 -3.35
N LEU A 20 -1.82 -2.23 -4.38
CA LEU A 20 -0.79 -1.73 -5.29
C LEU A 20 -1.29 -0.59 -6.17
N TYR A 21 -0.93 0.64 -5.80
CA TYR A 21 -1.28 1.78 -6.62
C TYR A 21 -0.32 1.90 -7.81
N ILE A 22 -0.79 2.48 -8.90
CA ILE A 22 0.03 2.65 -10.10
C ILE A 22 -0.18 4.01 -10.74
N ASP A 23 0.89 4.78 -10.86
CA ASP A 23 0.87 6.02 -11.62
C ASP A 23 1.33 5.73 -13.05
N PHE A 24 0.49 6.07 -14.01
CA PHE A 24 0.75 5.74 -15.41
C PHE A 24 2.08 6.30 -15.91
N ARG A 25 2.32 7.58 -15.65
CA ARG A 25 3.48 8.27 -16.20
C ARG A 25 4.79 7.75 -15.60
N LYS A 26 4.78 7.53 -14.29
CA LYS A 26 5.98 7.20 -13.54
C LYS A 26 6.32 5.70 -13.54
N ASP A 27 5.30 4.86 -13.43
CA ASP A 27 5.52 3.44 -13.26
C ASP A 27 5.37 2.64 -14.56
N LEU A 28 4.44 3.05 -15.41
CA LEU A 28 4.24 2.37 -16.69
C LEU A 28 4.90 3.12 -17.83
N GLY A 29 5.13 4.41 -17.63
CA GLY A 29 5.78 5.23 -18.64
C GLY A 29 4.79 5.88 -19.59
N TRP A 30 3.55 5.41 -19.57
CA TRP A 30 2.52 5.94 -20.47
C TRP A 30 2.31 7.44 -20.24
N LYS A 31 2.11 8.17 -21.33
CA LYS A 31 1.87 9.61 -21.25
C LYS A 31 0.57 9.98 -21.96
N TRP A 32 -0.12 8.98 -22.50
CA TRP A 32 -1.30 9.23 -23.32
C TRP A 32 -2.60 9.33 -22.54
N ILE A 33 -2.67 8.69 -21.37
CA ILE A 33 -3.88 8.72 -20.57
C ILE A 33 -4.07 10.07 -19.87
N HIS A 34 -5.19 10.71 -20.14
CA HIS A 34 -5.51 12.00 -19.54
C HIS A 34 -6.14 11.84 -18.16
N GLU A 35 -6.96 10.81 -18.02
CA GLU A 35 -7.62 10.52 -16.75
C GLU A 35 -7.84 9.02 -16.57
N PRO A 36 -7.54 8.50 -15.37
CA PRO A 36 -6.95 9.27 -14.27
C PRO A 36 -5.43 9.29 -14.38
N LYS A 37 -4.77 10.06 -13.53
CA LYS A 37 -3.31 10.10 -13.52
C LYS A 37 -2.73 8.80 -12.98
N GLY A 38 -3.61 7.94 -12.46
CA GLY A 38 -3.20 6.66 -11.93
C GLY A 38 -4.40 5.89 -11.39
N TYR A 39 -4.16 4.69 -10.89
CA TYR A 39 -5.27 3.87 -10.39
C TYR A 39 -4.80 2.76 -9.45
N HIS A 40 -5.75 2.15 -8.75
CA HIS A 40 -5.46 1.03 -7.86
C HIS A 40 -5.63 -0.28 -8.60
N ALA A 41 -4.55 -1.04 -8.73
CA ALA A 41 -4.57 -2.25 -9.54
C ALA A 41 -4.51 -3.51 -8.69
N ASN A 42 -3.86 -3.41 -7.54
CA ASN A 42 -3.62 -4.57 -6.69
C ASN A 42 -2.71 -5.56 -7.38
N PHE A 43 -2.42 -6.66 -6.70
CA PHE A 43 -1.60 -7.72 -7.28
C PHE A 43 -1.57 -8.94 -6.36
N CYS A 44 -1.19 -10.09 -6.91
CA CYS A 44 -1.19 -11.33 -6.17
C CYS A 44 0.19 -11.65 -5.60
N LEU A 45 0.22 -11.99 -4.31
CA LEU A 45 1.47 -12.26 -3.63
C LEU A 45 1.24 -13.15 -2.41
N GLY A 46 2.18 -14.04 -2.13
CA GLY A 46 2.09 -14.94 -1.00
C GLY A 46 2.26 -16.39 -1.42
N PRO A 47 2.92 -17.18 -0.57
CA PRO A 47 3.19 -18.60 -0.83
C PRO A 47 1.92 -19.39 -1.12
N CYS A 48 2.06 -20.57 -1.69
CA CYS A 48 0.93 -21.43 -1.99
C CYS A 48 1.08 -22.81 -1.34
N PRO A 49 0.87 -22.88 -0.02
CA PRO A 49 0.94 -24.14 0.73
C PRO A 49 -0.06 -25.15 0.17
N TYR A 50 0.13 -26.43 0.47
CA TYR A 50 -0.77 -27.45 -0.03
C TYR A 50 -2.21 -27.16 0.36
N ILE A 51 -3.12 -27.35 -0.60
CA ILE A 51 -4.55 -27.19 -0.40
C ILE A 51 -4.99 -25.76 -0.07
N TRP A 52 -4.18 -24.79 -0.48
CA TRP A 52 -4.55 -23.38 -0.31
C TRP A 52 -4.96 -22.75 -1.64
N SER A 53 -6.24 -22.89 -1.98
CA SER A 53 -6.77 -22.37 -3.24
C SER A 53 -5.91 -22.77 -4.44
N LEU A 54 -5.73 -24.07 -4.61
CA LEU A 54 -4.96 -24.59 -5.73
C LEU A 54 -5.87 -24.79 -6.95
N ASP A 55 -5.61 -24.01 -7.99
CA ASP A 55 -6.44 -23.99 -9.20
C ASP A 55 -6.84 -25.39 -9.67
N THR A 56 -5.89 -26.10 -10.26
CA THR A 56 -6.18 -27.41 -10.86
C THR A 56 -5.49 -28.54 -10.12
N GLN A 57 -5.59 -29.75 -10.67
CA GLN A 57 -4.95 -30.91 -10.06
C GLN A 57 -3.43 -30.79 -10.07
N TYR A 58 -2.87 -30.39 -11.21
CA TYR A 58 -1.43 -30.20 -11.32
C TYR A 58 -0.95 -29.23 -10.26
N SER A 59 -1.84 -28.33 -9.84
CA SER A 59 -1.54 -27.35 -8.80
C SER A 59 -1.31 -28.06 -7.47
N LYS A 60 -2.12 -29.08 -7.19
CA LYS A 60 -1.99 -29.85 -5.97
C LYS A 60 -0.79 -30.80 -6.02
N VAL A 61 -0.67 -31.51 -7.15
CA VAL A 61 0.44 -32.42 -7.36
C VAL A 61 1.76 -31.70 -7.20
N LEU A 62 1.82 -30.46 -7.68
CA LEU A 62 3.03 -29.66 -7.59
C LEU A 62 3.28 -29.18 -6.17
N ALA A 63 2.21 -28.87 -5.45
CA ALA A 63 2.34 -28.49 -4.04
C ALA A 63 2.78 -29.68 -3.19
N LEU A 64 2.11 -30.81 -3.35
CA LEU A 64 2.48 -32.03 -2.65
C LEU A 64 3.97 -32.33 -2.84
N TYR A 65 4.39 -32.34 -4.10
CA TYR A 65 5.79 -32.57 -4.43
C TYR A 65 6.68 -31.63 -3.63
N ASN A 66 6.46 -30.33 -3.80
CA ASN A 66 7.20 -29.32 -3.09
C ASN A 66 7.21 -29.58 -1.59
N GLN A 67 6.05 -29.97 -1.06
CA GLN A 67 5.91 -30.24 0.36
C GLN A 67 6.83 -31.35 0.81
N HIS A 68 7.09 -32.28 -0.10
CA HIS A 68 7.96 -33.42 0.18
C HIS A 68 9.41 -33.12 -0.19
N ASN A 69 9.58 -32.10 -1.02
CA ASN A 69 10.92 -31.63 -1.40
C ASN A 69 11.07 -30.14 -1.12
N PRO A 70 11.08 -29.77 0.17
CA PRO A 70 11.13 -28.36 0.58
C PRO A 70 12.20 -27.58 -0.18
N GLY A 71 11.81 -26.44 -0.74
CA GLY A 71 12.70 -25.64 -1.57
C GLY A 71 13.19 -26.41 -2.77
N ALA A 72 12.29 -26.67 -3.71
CA ALA A 72 12.61 -27.46 -4.90
C ALA A 72 12.53 -26.62 -6.16
N SER A 73 12.45 -25.29 -5.99
CA SER A 73 12.32 -24.36 -7.11
C SER A 73 11.21 -24.76 -8.08
N ALA A 74 10.15 -25.35 -7.53
CA ALA A 74 9.02 -25.80 -8.34
C ALA A 74 7.76 -25.88 -7.49
N ALA A 75 6.89 -24.88 -7.64
CA ALA A 75 5.67 -24.84 -6.86
C ALA A 75 4.66 -23.90 -7.52
N PRO A 76 3.41 -23.91 -7.04
CA PRO A 76 2.39 -23.03 -7.59
C PRO A 76 2.71 -21.56 -7.32
N CYS A 77 2.37 -20.69 -8.28
CA CYS A 77 2.61 -19.27 -8.14
C CYS A 77 1.31 -18.52 -7.90
N CYS A 78 1.37 -17.50 -7.05
CA CYS A 78 0.19 -16.68 -6.75
C CYS A 78 -0.06 -15.69 -7.87
N VAL A 79 -0.99 -16.04 -8.76
CA VAL A 79 -1.30 -15.21 -9.92
C VAL A 79 -2.76 -14.76 -9.90
N PRO A 80 -3.08 -13.72 -10.68
CA PRO A 80 -4.46 -13.23 -10.80
C PRO A 80 -5.39 -14.27 -11.39
N GLN A 81 -6.69 -14.05 -11.25
CA GLN A 81 -7.69 -14.98 -11.74
C GLN A 81 -8.85 -14.20 -12.36
N ALA A 82 -9.34 -13.22 -11.62
CA ALA A 82 -10.41 -12.35 -12.10
C ALA A 82 -9.90 -10.93 -12.27
N LEU A 83 -9.91 -10.45 -13.51
CA LEU A 83 -9.46 -9.09 -13.80
C LEU A 83 -10.63 -8.22 -14.24
N GLU A 84 -10.62 -6.97 -13.79
CA GLU A 84 -11.68 -6.03 -14.12
C GLU A 84 -11.17 -4.89 -15.01
N PRO A 85 -12.08 -4.09 -15.57
CA PRO A 85 -11.72 -3.00 -16.47
C PRO A 85 -11.26 -1.74 -15.73
N LEU A 86 -11.05 -0.67 -16.47
CA LEU A 86 -10.67 0.62 -15.90
C LEU A 86 -11.11 1.77 -16.79
N PRO A 87 -12.16 2.48 -16.38
CA PRO A 87 -12.68 3.65 -17.11
C PRO A 87 -11.62 4.73 -17.23
N ILE A 88 -11.23 5.04 -18.47
CA ILE A 88 -10.22 6.07 -18.71
C ILE A 88 -10.71 7.13 -19.68
N VAL A 89 -9.90 8.18 -19.85
CA VAL A 89 -10.18 9.25 -20.79
C VAL A 89 -8.89 9.72 -21.41
N TYR A 90 -8.76 9.54 -22.73
CA TYR A 90 -7.58 10.00 -23.44
C TYR A 90 -7.95 10.80 -24.68
N TYR A 91 -7.07 11.69 -25.10
CA TYR A 91 -7.36 12.59 -26.21
C TYR A 91 -6.85 12.11 -27.56
N VAL A 92 -7.75 12.06 -28.54
CA VAL A 92 -7.37 11.81 -29.92
C VAL A 92 -7.63 13.06 -30.73
N GLY A 93 -6.66 13.97 -30.74
CA GLY A 93 -6.84 15.26 -31.39
C GLY A 93 -7.39 16.28 -30.40
N ARG A 94 -8.67 16.61 -30.57
CA ARG A 94 -9.33 17.54 -29.65
C ARG A 94 -10.49 16.88 -28.90
N LYS A 95 -11.10 15.89 -29.53
CA LYS A 95 -12.25 15.21 -28.95
C LYS A 95 -11.81 14.02 -28.09
N PRO A 96 -11.90 14.18 -26.76
CA PRO A 96 -11.48 13.18 -25.78
C PRO A 96 -12.25 11.87 -25.93
N LYS A 97 -11.53 10.78 -26.18
CA LYS A 97 -12.16 9.47 -26.22
C LYS A 97 -12.31 8.89 -24.83
N VAL A 98 -13.55 8.62 -24.44
CA VAL A 98 -13.83 8.00 -23.14
C VAL A 98 -14.17 6.54 -23.35
N GLU A 99 -13.27 5.66 -22.93
CA GLU A 99 -13.47 4.22 -23.10
C GLU A 99 -12.92 3.43 -21.93
N GLN A 100 -13.14 2.12 -21.94
CA GLN A 100 -12.72 1.28 -20.83
C GLN A 100 -11.51 0.42 -21.19
N LEU A 101 -10.56 0.34 -20.26
CA LEU A 101 -9.39 -0.51 -20.40
C LEU A 101 -9.65 -1.87 -19.76
N SER A 102 -9.66 -2.92 -20.58
CA SER A 102 -10.01 -4.26 -20.12
C SER A 102 -8.90 -4.91 -19.31
N ASN A 103 -9.29 -5.75 -18.35
CA ASN A 103 -8.34 -6.51 -17.56
C ASN A 103 -7.20 -5.66 -17.00
N MET A 104 -7.55 -4.63 -16.25
CA MET A 104 -6.57 -3.69 -15.72
C MET A 104 -6.42 -3.83 -14.22
N ILE A 105 -7.49 -4.27 -13.56
CA ILE A 105 -7.52 -4.42 -12.12
C ILE A 105 -7.76 -5.89 -11.75
N VAL A 106 -7.30 -6.30 -10.57
CA VAL A 106 -7.51 -7.67 -10.12
C VAL A 106 -8.57 -7.80 -9.04
N ARG A 107 -9.49 -8.74 -9.23
CA ARG A 107 -10.52 -9.04 -8.26
C ARG A 107 -10.07 -10.12 -7.29
N SER A 108 -9.55 -11.21 -7.84
CA SER A 108 -9.16 -12.34 -7.02
C SER A 108 -7.88 -12.99 -7.56
N CYS A 109 -7.25 -13.81 -6.73
CA CYS A 109 -6.04 -14.52 -7.12
C CYS A 109 -6.26 -16.02 -7.02
N LYS A 110 -5.24 -16.79 -7.40
CA LYS A 110 -5.31 -18.24 -7.30
C LYS A 110 -3.92 -18.85 -7.46
N CYS A 111 -3.68 -19.95 -6.76
CA CYS A 111 -2.40 -20.65 -6.81
C CYS A 111 -2.34 -21.63 -7.98
N SER A 112 -1.37 -21.41 -8.87
CA SER A 112 -1.17 -22.29 -10.02
C SER A 112 0.17 -22.01 -10.68
N ALA B 1 2.43 -19.31 -25.29
CA ALA B 1 3.38 -19.25 -26.40
C ALA B 1 4.55 -20.20 -26.15
N LEU B 2 5.22 -20.02 -25.02
CA LEU B 2 6.32 -20.88 -24.61
C LEU B 2 5.81 -22.31 -24.46
N ASP B 3 6.39 -23.23 -25.24
CA ASP B 3 5.90 -24.61 -25.25
C ASP B 3 7.02 -25.65 -25.13
N THR B 4 6.61 -26.91 -25.02
CA THR B 4 7.53 -28.03 -24.90
C THR B 4 8.56 -28.04 -26.02
N ASN B 5 8.07 -27.91 -27.26
CA ASN B 5 8.93 -27.95 -28.44
C ASN B 5 10.03 -26.89 -28.41
N TYR B 6 9.67 -25.66 -28.05
CA TYR B 6 10.61 -24.56 -28.04
C TYR B 6 11.70 -24.71 -26.98
N CYS B 7 11.30 -24.96 -25.75
CA CYS B 7 12.21 -24.84 -24.60
C CYS B 7 12.94 -26.12 -24.19
N PHE B 8 12.62 -27.24 -24.83
CA PHE B 8 13.36 -28.47 -24.59
C PHE B 8 14.42 -28.65 -25.66
N SER B 9 14.34 -27.81 -26.70
CA SER B 9 15.32 -27.82 -27.78
C SER B 9 16.41 -26.79 -27.52
N SER B 10 16.05 -25.71 -26.85
CA SER B 10 16.99 -24.63 -26.60
C SER B 10 17.25 -24.43 -25.11
N THR B 11 17.60 -23.20 -24.75
CA THR B 11 17.85 -22.82 -23.36
C THR B 11 17.69 -21.32 -23.21
N GLU B 12 16.49 -20.90 -22.87
CA GLU B 12 16.18 -19.47 -22.81
C GLU B 12 16.32 -18.86 -21.41
N LYS B 13 16.49 -19.74 -20.41
CA LYS B 13 16.65 -19.31 -19.02
C LYS B 13 15.68 -18.19 -18.67
N ASN B 14 14.57 -18.15 -19.40
CA ASN B 14 13.52 -17.18 -19.17
C ASN B 14 12.23 -17.97 -19.01
N CYS B 15 11.20 -17.36 -18.44
CA CYS B 15 9.95 -18.08 -18.19
C CYS B 15 9.68 -19.12 -19.27
N CYS B 16 9.61 -20.37 -18.85
CA CYS B 16 9.26 -21.47 -19.75
C CYS B 16 9.26 -22.82 -19.04
N VAL B 17 8.73 -23.84 -19.72
CA VAL B 17 8.65 -25.19 -19.18
C VAL B 17 10.01 -25.80 -18.92
N ARG B 18 10.37 -25.94 -17.65
CA ARG B 18 11.53 -26.73 -17.27
C ARG B 18 11.08 -28.19 -17.29
N GLN B 19 12.00 -29.10 -16.97
CA GLN B 19 11.70 -30.51 -17.00
C GLN B 19 11.63 -31.06 -15.59
N LEU B 20 10.60 -31.86 -15.30
CA LEU B 20 10.42 -32.42 -13.97
C LEU B 20 9.75 -33.78 -14.00
N TYR B 21 10.34 -34.73 -13.30
CA TYR B 21 9.77 -36.06 -13.16
C TYR B 21 9.26 -36.25 -11.74
N ILE B 22 8.04 -36.78 -11.61
CA ILE B 22 7.43 -36.98 -10.30
C ILE B 22 7.18 -38.45 -10.01
N ASP B 23 7.80 -38.94 -8.92
CA ASP B 23 7.62 -40.32 -8.49
C ASP B 23 6.50 -40.40 -7.46
N PHE B 24 5.39 -41.00 -7.84
CA PHE B 24 4.20 -41.05 -6.98
C PHE B 24 4.47 -41.46 -5.54
N ARG B 25 5.25 -42.52 -5.37
CA ARG B 25 5.45 -43.09 -4.04
C ARG B 25 6.46 -42.34 -3.18
N LYS B 26 7.31 -41.53 -3.81
CA LYS B 26 8.39 -40.88 -3.07
C LYS B 26 8.34 -39.35 -3.17
N ASP B 27 7.65 -38.85 -4.19
CA ASP B 27 7.51 -37.41 -4.39
C ASP B 27 6.17 -36.90 -3.87
N LEU B 28 5.11 -37.65 -4.13
CA LEU B 28 3.76 -37.27 -3.72
C LEU B 28 3.26 -38.09 -2.53
N GLY B 29 3.78 -39.30 -2.39
CA GLY B 29 3.38 -40.17 -1.30
C GLY B 29 2.12 -40.96 -1.59
N TRP B 30 1.80 -41.12 -2.88
CA TRP B 30 0.67 -41.96 -3.28
C TRP B 30 1.12 -43.41 -3.48
N LYS B 31 0.36 -44.34 -2.93
CA LYS B 31 0.67 -45.76 -3.08
C LYS B 31 -0.50 -46.50 -3.70
N TRP B 32 -1.46 -45.73 -4.22
CA TRP B 32 -2.68 -46.31 -4.78
C TRP B 32 -2.64 -46.38 -6.30
N ILE B 33 -1.55 -45.89 -6.89
CA ILE B 33 -1.40 -45.95 -8.34
C ILE B 33 -0.52 -47.13 -8.77
N HIS B 34 -1.15 -48.10 -9.42
CA HIS B 34 -0.46 -49.30 -9.87
C HIS B 34 0.44 -49.03 -11.06
N GLU B 35 0.03 -48.10 -11.92
CA GLU B 35 0.83 -47.74 -13.09
C GLU B 35 0.27 -46.46 -13.71
N PRO B 36 1.16 -45.54 -14.10
CA PRO B 36 2.61 -45.64 -14.02
C PRO B 36 3.14 -45.51 -12.59
N LYS B 37 4.44 -45.69 -12.42
CA LYS B 37 5.07 -45.52 -11.12
C LYS B 37 5.52 -44.07 -10.96
N GLY B 38 5.51 -43.34 -12.08
CA GLY B 38 5.89 -41.93 -12.11
C GLY B 38 5.58 -41.36 -13.47
N TYR B 39 5.73 -40.06 -13.63
CA TYR B 39 5.45 -39.42 -14.91
C TYR B 39 6.12 -38.06 -15.04
N HIS B 40 6.31 -37.62 -16.27
CA HIS B 40 6.91 -36.31 -16.52
C HIS B 40 5.84 -35.23 -16.53
N ALA B 41 5.80 -34.45 -15.45
CA ALA B 41 4.83 -33.37 -15.34
C ALA B 41 5.46 -32.06 -15.79
N ASN B 42 6.76 -31.90 -15.52
CA ASN B 42 7.46 -30.66 -15.81
C ASN B 42 7.00 -29.56 -14.86
N PHE B 43 7.46 -28.34 -15.13
CA PHE B 43 7.02 -27.17 -14.37
C PHE B 43 7.44 -25.90 -15.10
N CYS B 44 6.91 -24.77 -14.64
CA CYS B 44 7.23 -23.49 -15.26
C CYS B 44 8.16 -22.68 -14.38
N LEU B 45 9.19 -22.09 -14.99
CA LEU B 45 10.17 -21.33 -14.23
C LEU B 45 10.90 -20.31 -15.12
N GLY B 46 11.26 -19.17 -14.54
CA GLY B 46 11.94 -18.13 -15.26
C GLY B 46 11.25 -16.78 -15.12
N PRO B 47 12.03 -15.69 -15.23
CA PRO B 47 11.51 -14.32 -15.10
C PRO B 47 10.53 -13.98 -16.24
N CYS B 48 9.90 -12.83 -16.15
CA CYS B 48 8.99 -12.38 -17.20
C CYS B 48 9.25 -10.91 -17.57
N PRO B 49 10.27 -10.66 -18.40
CA PRO B 49 10.64 -9.34 -18.90
C PRO B 49 9.52 -8.77 -19.77
N TYR B 50 9.56 -7.47 -20.05
CA TYR B 50 8.50 -6.85 -20.84
C TYR B 50 8.35 -7.49 -22.21
N ILE B 51 7.10 -7.78 -22.57
CA ILE B 51 6.78 -8.48 -23.81
C ILE B 51 7.59 -9.76 -23.96
N TRP B 52 7.17 -10.77 -23.19
CA TRP B 52 7.73 -12.11 -23.28
C TRP B 52 6.65 -13.10 -22.89
N SER B 53 5.76 -13.40 -23.84
CA SER B 53 4.62 -14.27 -23.58
C SER B 53 3.78 -13.74 -22.42
N LEU B 54 3.52 -12.44 -22.41
CA LEU B 54 2.64 -11.85 -21.42
C LEU B 54 1.20 -12.16 -21.79
N ASP B 55 0.49 -12.85 -20.89
CA ASP B 55 -0.85 -13.33 -21.18
C ASP B 55 -1.86 -12.20 -21.40
N THR B 56 -2.06 -11.37 -20.38
CA THR B 56 -3.12 -10.37 -20.41
C THR B 56 -2.60 -8.94 -20.27
N GLN B 57 -3.47 -7.96 -20.48
CA GLN B 57 -3.11 -6.56 -20.33
C GLN B 57 -2.50 -6.28 -18.96
N TYR B 58 -3.06 -6.89 -17.93
CA TYR B 58 -2.55 -6.71 -16.59
C TYR B 58 -1.10 -7.18 -16.50
N SER B 59 -0.80 -8.29 -17.19
CA SER B 59 0.56 -8.80 -17.24
C SER B 59 1.49 -7.78 -17.90
N LYS B 60 0.99 -7.13 -18.95
CA LYS B 60 1.75 -6.08 -19.63
C LYS B 60 2.02 -4.93 -18.66
N VAL B 61 1.03 -4.60 -17.85
CA VAL B 61 1.16 -3.52 -16.87
C VAL B 61 2.13 -3.89 -15.75
N LEU B 62 1.98 -5.10 -15.20
CA LEU B 62 2.88 -5.54 -14.13
C LEU B 62 4.33 -5.57 -14.58
N ALA B 63 4.56 -6.02 -15.80
CA ALA B 63 5.90 -6.03 -16.36
C ALA B 63 6.44 -4.61 -16.45
N LEU B 64 5.71 -3.74 -17.16
CA LEU B 64 6.10 -2.34 -17.29
C LEU B 64 6.32 -1.70 -15.92
N TYR B 65 5.60 -2.18 -14.91
CA TYR B 65 5.75 -1.68 -13.56
C TYR B 65 7.08 -2.11 -12.98
N ASN B 66 7.35 -3.41 -13.05
CA ASN B 66 8.59 -3.95 -12.53
C ASN B 66 9.80 -3.45 -13.29
N GLN B 67 9.56 -2.84 -14.44
CA GLN B 67 10.64 -2.32 -15.26
C GLN B 67 11.12 -0.99 -14.73
N HIS B 68 10.15 -0.11 -14.43
CA HIS B 68 10.43 1.22 -13.91
C HIS B 68 10.69 1.17 -12.40
N ASN B 69 10.39 0.02 -11.80
CA ASN B 69 10.59 -0.19 -10.37
C ASN B 69 11.29 -1.51 -10.10
N PRO B 70 12.60 -1.46 -9.80
CA PRO B 70 13.45 -2.64 -9.58
C PRO B 70 13.14 -3.36 -8.27
N GLY B 71 13.01 -4.69 -8.33
CA GLY B 71 12.75 -5.49 -7.15
C GLY B 71 11.45 -5.11 -6.46
N ALA B 72 10.47 -4.71 -7.26
CA ALA B 72 9.19 -4.24 -6.74
C ALA B 72 8.35 -5.35 -6.09
N SER B 73 8.81 -6.59 -6.25
CA SER B 73 8.09 -7.75 -5.72
C SER B 73 6.79 -8.01 -6.48
N ALA B 74 6.50 -7.14 -7.44
CA ALA B 74 5.31 -7.25 -8.25
C ALA B 74 5.68 -7.38 -9.72
N ALA B 75 5.53 -8.59 -10.26
CA ALA B 75 5.86 -8.84 -11.66
C ALA B 75 5.12 -10.06 -12.17
N PRO B 76 4.91 -10.14 -13.49
CA PRO B 76 4.25 -11.31 -14.07
C PRO B 76 4.95 -12.58 -13.65
N CYS B 77 4.20 -13.66 -13.52
CA CYS B 77 4.75 -14.92 -13.04
C CYS B 77 4.68 -16.03 -14.09
N CYS B 78 5.71 -16.85 -14.16
CA CYS B 78 5.74 -17.96 -15.11
C CYS B 78 4.88 -19.12 -14.62
N VAL B 79 3.70 -19.27 -15.22
CA VAL B 79 2.76 -20.32 -14.83
C VAL B 79 2.19 -21.03 -16.05
N PRO B 80 1.83 -22.32 -15.89
CA PRO B 80 1.35 -23.17 -16.99
C PRO B 80 0.12 -22.59 -17.70
N GLN B 81 -0.01 -22.89 -18.99
CA GLN B 81 -1.13 -22.42 -19.79
C GLN B 81 -1.92 -23.60 -20.34
N ALA B 82 -1.20 -24.62 -20.80
CA ALA B 82 -1.82 -25.83 -21.35
C ALA B 82 -1.49 -27.05 -20.50
N LEU B 83 -2.51 -27.61 -19.85
CA LEU B 83 -2.34 -28.82 -19.07
C LEU B 83 -2.90 -30.03 -19.83
N GLU B 84 -2.31 -31.19 -19.61
CA GLU B 84 -2.74 -32.40 -20.31
C GLU B 84 -2.97 -33.59 -19.37
N PRO B 85 -3.97 -34.41 -19.69
CA PRO B 85 -4.36 -35.61 -18.93
C PRO B 85 -3.24 -36.66 -18.87
N LEU B 86 -3.34 -37.55 -17.89
CA LEU B 86 -2.38 -38.64 -17.72
C LEU B 86 -3.12 -39.93 -17.37
N PRO B 87 -3.19 -40.87 -18.32
CA PRO B 87 -3.85 -42.16 -18.13
C PRO B 87 -3.17 -43.00 -17.06
N ILE B 88 -3.93 -43.47 -16.07
CA ILE B 88 -3.36 -44.31 -15.02
C ILE B 88 -4.20 -45.56 -14.76
N VAL B 89 -3.56 -46.58 -14.20
CA VAL B 89 -4.23 -47.83 -13.86
C VAL B 89 -4.15 -48.09 -12.36
N TYR B 90 -5.31 -48.19 -11.72
CA TYR B 90 -5.35 -48.48 -10.30
C TYR B 90 -6.43 -49.51 -9.99
N TYR B 91 -6.17 -50.37 -9.02
CA TYR B 91 -7.08 -51.46 -8.67
C TYR B 91 -8.04 -51.11 -7.56
N VAL B 92 -9.34 -51.17 -7.85
CA VAL B 92 -10.36 -51.07 -6.81
C VAL B 92 -10.86 -52.47 -6.48
N GLY B 93 -10.23 -53.10 -5.50
CA GLY B 93 -10.52 -54.48 -5.18
C GLY B 93 -9.75 -55.41 -6.11
N ARG B 94 -10.44 -56.37 -6.71
CA ARG B 94 -9.84 -57.24 -7.71
C ARG B 94 -9.96 -56.61 -9.09
N LYS B 95 -10.80 -55.58 -9.19
CA LYS B 95 -11.11 -54.96 -10.47
C LYS B 95 -10.05 -53.97 -10.94
N PRO B 96 -9.44 -54.24 -12.11
CA PRO B 96 -8.50 -53.32 -12.75
C PRO B 96 -9.22 -52.11 -13.33
N LYS B 97 -9.02 -50.95 -12.73
CA LYS B 97 -9.69 -49.72 -13.17
C LYS B 97 -8.72 -48.83 -13.95
N VAL B 98 -9.20 -48.24 -15.04
CA VAL B 98 -8.39 -47.33 -15.84
C VAL B 98 -9.06 -45.98 -16.04
N GLU B 99 -8.31 -44.90 -15.81
CA GLU B 99 -8.87 -43.55 -15.95
C GLU B 99 -7.84 -42.51 -16.40
N GLN B 100 -8.34 -41.31 -16.70
CA GLN B 100 -7.50 -40.20 -17.14
C GLN B 100 -7.53 -39.09 -16.11
N LEU B 101 -6.38 -38.80 -15.51
CA LEU B 101 -6.29 -37.70 -14.56
C LEU B 101 -6.11 -36.38 -15.30
N SER B 102 -7.18 -35.60 -15.37
CA SER B 102 -7.16 -34.34 -16.10
C SER B 102 -6.22 -33.30 -15.48
N ASN B 103 -5.53 -32.55 -16.33
CA ASN B 103 -4.63 -31.50 -15.87
C ASN B 103 -3.52 -32.00 -14.96
N MET B 104 -2.64 -32.84 -15.52
CA MET B 104 -1.53 -33.39 -14.75
C MET B 104 -0.18 -33.10 -15.38
N ILE B 105 -0.20 -32.78 -16.68
CA ILE B 105 1.02 -32.47 -17.40
C ILE B 105 0.97 -31.05 -17.95
N VAL B 106 2.10 -30.34 -17.89
CA VAL B 106 2.17 -29.00 -18.47
C VAL B 106 2.93 -29.01 -19.80
N ARG B 107 2.24 -28.58 -20.85
CA ARG B 107 2.82 -28.54 -22.19
C ARG B 107 3.26 -27.13 -22.60
N SER B 108 2.78 -26.12 -21.87
CA SER B 108 3.14 -24.75 -22.20
C SER B 108 3.07 -23.84 -20.99
N CYS B 109 3.75 -22.69 -21.07
CA CYS B 109 3.75 -21.73 -19.99
C CYS B 109 3.33 -20.34 -20.47
N LYS B 110 3.19 -19.43 -19.52
CA LYS B 110 2.80 -18.06 -19.83
C LYS B 110 3.12 -17.17 -18.63
N CYS B 111 3.25 -15.87 -18.88
CA CYS B 111 3.52 -14.90 -17.83
C CYS B 111 2.23 -14.23 -17.36
N SER B 112 1.96 -14.31 -16.07
CA SER B 112 0.75 -13.73 -15.50
C SER B 112 0.98 -13.21 -14.09
N ALA C 7 5.89 -1.92 -43.11
CA ALA C 7 6.16 -1.00 -42.00
C ALA C 7 4.97 -0.09 -41.73
N VAL C 8 4.82 0.33 -40.48
CA VAL C 8 3.68 1.16 -40.09
C VAL C 8 4.14 2.49 -39.50
N LYS C 9 3.38 3.55 -39.80
CA LYS C 9 3.74 4.90 -39.39
C LYS C 9 2.71 5.43 -38.39
N PHE C 10 3.06 5.40 -37.11
CA PHE C 10 2.12 5.74 -36.05
C PHE C 10 2.12 7.23 -35.68
N PRO C 11 0.94 7.75 -35.31
CA PRO C 11 0.78 9.12 -34.83
C PRO C 11 1.47 9.31 -33.48
N GLN C 12 2.12 10.45 -33.29
CA GLN C 12 2.82 10.71 -32.04
C GLN C 12 1.98 11.62 -31.15
N LEU C 13 2.44 11.79 -29.91
CA LEU C 13 1.73 12.59 -28.93
C LEU C 13 2.18 14.06 -28.96
N CYS C 14 1.23 14.98 -28.86
CA CYS C 14 1.52 16.40 -28.82
C CYS C 14 0.60 17.11 -27.84
N LYS C 15 1.05 18.25 -27.31
CA LYS C 15 0.18 19.08 -26.52
C LYS C 15 -0.87 19.70 -27.43
N PHE C 16 -2.10 19.84 -26.92
CA PHE C 16 -3.20 20.28 -27.76
C PHE C 16 -4.22 21.11 -27.00
N CYS C 17 -3.80 22.29 -26.53
CA CYS C 17 -4.69 23.18 -25.80
C CYS C 17 -5.12 24.37 -26.63
N ASP C 18 -4.71 24.39 -27.89
CA ASP C 18 -5.03 25.51 -28.77
C ASP C 18 -4.41 26.80 -28.26
N VAL C 19 -5.19 27.89 -28.30
CA VAL C 19 -4.70 29.19 -27.86
C VAL C 19 -5.14 29.49 -26.43
N ARG C 20 -4.16 29.61 -25.53
CA ARG C 20 -4.42 29.92 -24.13
C ARG C 20 -3.63 31.14 -23.70
N PHE C 21 -4.14 31.85 -22.71
CA PHE C 21 -3.38 32.95 -22.11
C PHE C 21 -2.10 32.40 -21.49
N SER C 22 -0.98 33.09 -21.72
CA SER C 22 0.31 32.65 -21.21
C SER C 22 0.94 33.67 -20.28
N THR C 23 2.11 33.33 -19.74
CA THR C 23 2.88 34.24 -18.90
C THR C 23 4.34 34.18 -19.33
N CYS C 24 4.62 33.31 -20.29
CA CYS C 24 5.97 33.13 -20.83
C CYS C 24 6.45 34.38 -21.55
N ASP C 25 7.62 34.87 -21.17
CA ASP C 25 8.19 36.07 -21.77
C ASP C 25 9.64 36.26 -21.37
N ASN C 26 10.39 36.97 -22.22
CA ASN C 26 11.78 37.30 -21.94
C ASN C 26 12.59 36.15 -21.37
N GLN C 27 12.27 34.93 -21.80
CA GLN C 27 12.97 33.76 -21.29
C GLN C 27 13.65 32.93 -22.36
N LYS C 28 14.70 32.22 -21.93
CA LYS C 28 15.48 31.36 -22.80
C LYS C 28 14.64 30.16 -23.24
N SER C 29 13.67 29.81 -22.40
CA SER C 29 12.79 28.69 -22.67
C SER C 29 11.61 28.71 -21.72
N CYS C 30 10.42 28.40 -22.24
CA CYS C 30 9.22 28.33 -21.41
C CYS C 30 8.64 26.93 -21.45
N MET C 31 7.68 26.66 -20.57
CA MET C 31 7.08 25.34 -20.49
C MET C 31 5.57 25.41 -20.76
N SER C 32 5.22 25.28 -22.03
CA SER C 32 3.83 25.23 -22.49
C SER C 32 2.79 25.03 -21.39
N ASN C 33 3.02 24.05 -20.53
CA ASN C 33 2.06 23.64 -19.51
C ASN C 33 0.62 23.52 -20.04
N CYS C 34 0.46 22.66 -21.04
CA CYS C 34 -0.87 22.26 -21.47
C CYS C 34 -1.19 20.95 -20.76
N SER C 35 -2.31 20.91 -20.05
CA SER C 35 -2.69 19.72 -19.31
C SER C 35 -3.41 18.71 -20.21
N ILE C 36 -3.23 18.87 -21.52
CA ILE C 36 -3.87 17.99 -22.49
C ILE C 36 -2.87 17.41 -23.48
N THR C 37 -2.58 16.12 -23.32
CA THR C 37 -1.71 15.42 -24.26
C THR C 37 -2.55 14.47 -25.11
N SER C 38 -2.46 14.62 -26.42
CA SER C 38 -3.33 13.88 -27.32
C SER C 38 -2.56 13.14 -28.41
N ILE C 39 -3.21 12.12 -28.97
CA ILE C 39 -2.70 11.42 -30.13
C ILE C 39 -3.25 12.11 -31.38
N CYS C 40 -2.36 12.63 -32.23
CA CYS C 40 -2.78 13.31 -33.44
C CYS C 40 -3.60 12.37 -34.33
N GLU C 41 -4.76 12.85 -34.78
CA GLU C 41 -5.61 12.07 -35.67
C GLU C 41 -4.81 11.52 -36.83
N LYS C 42 -4.17 12.42 -37.57
CA LYS C 42 -3.41 12.06 -38.75
C LYS C 42 -1.99 11.63 -38.41
N PRO C 43 -1.64 10.38 -38.76
CA PRO C 43 -0.34 9.76 -38.46
C PRO C 43 0.85 10.56 -38.98
N GLN C 44 0.62 11.40 -39.98
CA GLN C 44 1.70 12.17 -40.58
C GLN C 44 1.97 13.46 -39.81
N GLU C 45 0.97 13.90 -39.04
CA GLU C 45 1.03 15.17 -38.34
C GLU C 45 2.21 15.31 -37.38
N VAL C 46 2.47 16.55 -36.97
CA VAL C 46 3.53 16.85 -36.02
C VAL C 46 3.04 17.89 -35.02
N CYS C 47 3.88 18.23 -34.05
CA CYS C 47 3.51 19.21 -33.02
C CYS C 47 3.81 20.62 -33.50
N VAL C 48 3.08 21.59 -32.95
CA VAL C 48 3.28 22.99 -33.29
C VAL C 48 3.16 23.87 -32.06
N ALA C 49 3.90 24.98 -32.06
CA ALA C 49 3.84 25.93 -30.94
C ALA C 49 3.93 27.37 -31.45
N VAL C 50 2.86 28.13 -31.24
CA VAL C 50 2.81 29.52 -31.69
C VAL C 50 2.77 30.49 -30.51
N TRP C 51 3.76 31.38 -30.46
CA TRP C 51 3.85 32.36 -29.38
C TRP C 51 3.57 33.76 -29.91
N ARG C 52 2.32 34.21 -29.78
CA ARG C 52 1.93 35.53 -30.26
C ARG C 52 1.70 36.52 -29.14
N LYS C 53 2.64 37.43 -28.96
CA LYS C 53 2.49 38.51 -27.98
C LYS C 53 1.96 39.76 -28.66
N ASN C 54 0.67 40.04 -28.45
CA ASN C 54 0.04 41.24 -28.98
C ASN C 54 0.72 42.50 -28.44
N ASP C 55 -0.03 43.30 -27.69
CA ASP C 55 0.54 44.47 -27.04
C ASP C 55 0.84 44.15 -25.58
N GLU C 56 -0.21 43.93 -24.80
CA GLU C 56 -0.05 43.64 -23.39
C GLU C 56 -0.20 42.15 -23.08
N ASN C 57 -1.10 41.49 -23.79
CA ASN C 57 -1.36 40.08 -23.53
C ASN C 57 -0.53 39.13 -24.41
N ILE C 58 -0.18 37.98 -23.85
CA ILE C 58 0.58 36.97 -24.57
C ILE C 58 -0.22 35.69 -24.69
N THR C 59 -0.13 35.03 -25.83
CA THR C 59 -0.86 33.78 -26.05
C THR C 59 0.04 32.69 -26.64
N LEU C 60 -0.06 31.48 -26.09
CA LEU C 60 0.67 30.33 -26.60
C LEU C 60 -0.29 29.34 -27.23
N GLU C 61 0.07 28.78 -28.38
CA GLU C 61 -0.79 27.85 -29.08
C GLU C 61 -0.08 26.52 -29.34
N THR C 62 -0.67 25.44 -28.86
CA THR C 62 -0.11 24.11 -29.04
C THR C 62 -1.14 23.18 -29.67
N VAL C 63 -0.80 22.64 -30.83
CA VAL C 63 -1.71 21.77 -31.56
C VAL C 63 -0.97 20.76 -32.43
N CYS C 64 -1.72 19.81 -32.97
CA CYS C 64 -1.20 18.88 -33.97
C CYS C 64 -1.46 19.47 -35.35
N HIS C 65 -0.59 19.20 -36.30
CA HIS C 65 -0.75 19.76 -37.64
C HIS C 65 0.06 19.02 -38.69
N ASP C 66 -0.52 18.88 -39.88
CA ASP C 66 0.15 18.22 -41.00
C ASP C 66 1.21 19.15 -41.60
N PRO C 67 2.48 18.72 -41.57
CA PRO C 67 3.61 19.51 -42.07
C PRO C 67 3.44 19.98 -43.51
N LYS C 68 2.69 19.21 -44.30
CA LYS C 68 2.48 19.53 -45.71
C LYS C 68 1.63 20.79 -45.90
N LEU C 69 1.20 21.39 -44.81
CA LEU C 69 0.37 22.59 -44.87
C LEU C 69 1.05 23.79 -44.22
N PRO C 70 0.56 25.00 -44.52
CA PRO C 70 1.06 26.23 -43.92
C PRO C 70 0.19 26.69 -42.75
N TYR C 71 0.79 26.85 -41.58
CA TYR C 71 0.05 27.31 -40.40
C TYR C 71 0.24 28.81 -40.20
N HIS C 72 -0.84 29.56 -40.37
CA HIS C 72 -0.81 31.01 -40.30
C HIS C 72 -0.05 31.63 -41.47
N ASP C 73 0.08 30.86 -42.56
CA ASP C 73 0.79 31.29 -43.78
C ASP C 73 2.29 31.03 -43.71
N PHE C 74 2.68 29.92 -43.09
CA PHE C 74 4.09 29.59 -42.96
C PHE C 74 4.36 28.11 -43.23
N ILE C 75 5.42 27.82 -43.97
CA ILE C 75 5.79 26.44 -44.28
C ILE C 75 6.55 25.83 -43.11
N LEU C 76 6.06 24.69 -42.61
CA LEU C 76 6.71 24.00 -41.51
C LEU C 76 8.02 23.36 -41.97
N GLU C 77 9.08 24.15 -42.00
CA GLU C 77 10.38 23.68 -42.47
C GLU C 77 11.15 22.96 -41.36
N ASP C 78 10.88 23.34 -40.11
CA ASP C 78 11.55 22.74 -38.98
C ASP C 78 10.74 21.59 -38.38
N ALA C 79 9.74 21.14 -39.13
CA ALA C 79 8.80 20.12 -38.64
C ALA C 79 9.41 18.71 -38.61
N ALA C 80 10.72 18.62 -38.72
CA ALA C 80 11.41 17.33 -38.69
C ALA C 80 12.32 17.22 -37.48
N SER C 81 12.47 18.32 -36.76
CA SER C 81 13.32 18.37 -35.58
C SER C 81 12.68 17.66 -34.39
N PRO C 82 13.51 17.00 -33.57
CA PRO C 82 13.05 16.33 -32.35
C PRO C 82 12.73 17.34 -31.26
N LYS C 83 13.27 18.55 -31.37
CA LYS C 83 13.02 19.59 -30.39
C LYS C 83 12.26 20.77 -31.00
N CYS C 84 11.72 21.63 -30.15
CA CYS C 84 10.91 22.74 -30.61
C CYS C 84 11.63 24.07 -30.42
N ILE C 85 12.44 24.46 -31.41
CA ILE C 85 13.15 25.73 -31.36
C ILE C 85 12.36 26.82 -32.08
N MET C 86 11.92 27.81 -31.33
CA MET C 86 11.11 28.88 -31.89
C MET C 86 11.87 29.68 -32.94
N LYS C 87 11.49 29.49 -34.20
CA LYS C 87 12.07 30.24 -35.30
C LYS C 87 11.21 31.46 -35.63
N GLU C 88 11.55 32.59 -35.01
CA GLU C 88 10.79 33.83 -35.18
C GLU C 88 10.45 34.15 -36.63
N LYS C 89 9.26 34.70 -36.83
CA LYS C 89 8.83 35.14 -38.15
C LYS C 89 8.45 36.62 -38.06
N LYS C 90 8.04 37.20 -39.18
CA LYS C 90 7.64 38.60 -39.20
C LYS C 90 6.14 38.74 -39.43
N LYS C 91 5.45 39.36 -38.47
CA LYS C 91 4.01 39.58 -38.59
C LYS C 91 3.63 40.94 -37.97
N PRO C 92 2.77 41.69 -38.67
CA PRO C 92 2.39 43.06 -38.29
C PRO C 92 1.86 43.20 -36.87
N GLY C 93 2.12 44.36 -36.27
CA GLY C 93 1.53 44.72 -34.99
C GLY C 93 1.74 43.75 -33.85
N GLU C 94 2.81 42.96 -33.91
CA GLU C 94 3.11 42.00 -32.85
C GLU C 94 4.36 41.19 -33.15
N THR C 95 4.89 40.55 -32.11
CA THR C 95 6.00 39.61 -32.27
C THR C 95 5.42 38.22 -32.54
N PHE C 96 6.17 37.39 -33.26
CA PHE C 96 5.65 36.08 -33.65
C PHE C 96 6.76 35.04 -33.76
N PHE C 97 6.74 34.07 -32.85
CA PHE C 97 7.66 32.94 -32.89
C PHE C 97 6.86 31.67 -33.15
N MET C 98 7.45 30.74 -33.90
CA MET C 98 6.76 29.49 -34.21
C MET C 98 7.72 28.34 -34.47
N CYS C 99 7.56 27.28 -33.69
CA CYS C 99 8.36 26.07 -33.88
C CYS C 99 7.45 24.88 -34.11
N SER C 100 8.03 23.79 -34.60
CA SER C 100 7.30 22.55 -34.82
C SER C 100 8.27 21.39 -34.80
N CYS C 101 7.92 20.32 -34.12
CA CYS C 101 8.82 19.18 -33.97
C CYS C 101 8.11 17.84 -34.14
N SER C 102 8.89 16.77 -34.15
CA SER C 102 8.35 15.41 -34.27
C SER C 102 8.87 14.52 -33.16
N SER C 103 8.38 14.75 -31.94
CA SER C 103 8.77 13.97 -30.78
C SER C 103 7.70 14.09 -29.71
N ASP C 104 7.25 12.95 -29.20
CA ASP C 104 6.16 12.92 -28.22
C ASP C 104 6.28 14.02 -27.17
N GLU C 105 5.34 14.96 -27.21
CA GLU C 105 5.28 16.07 -26.27
C GLU C 105 6.46 17.04 -26.42
N CYS C 106 6.93 17.20 -27.65
CA CYS C 106 8.06 18.09 -27.92
C CYS C 106 7.64 19.55 -27.84
N ASN C 107 6.35 19.81 -28.02
CA ASN C 107 5.83 21.18 -27.96
C ASN C 107 5.45 21.59 -26.55
N ASP C 108 5.84 20.78 -25.57
CA ASP C 108 5.60 21.09 -24.17
C ASP C 108 6.73 21.95 -23.63
N ASN C 109 7.89 21.84 -24.27
CA ASN C 109 9.06 22.61 -23.87
C ASN C 109 9.64 23.43 -25.02
N ILE C 110 9.08 24.62 -25.22
CA ILE C 110 9.51 25.49 -26.31
C ILE C 110 10.87 26.13 -26.02
N ILE C 111 11.63 26.39 -27.07
CA ILE C 111 13.02 26.84 -26.92
C ILE C 111 13.33 28.11 -27.71
N PHE C 112 14.24 28.92 -27.16
CA PHE C 112 14.85 30.03 -27.89
C PHE C 112 16.31 30.18 -27.47
N SER C 113 16.83 29.22 -26.72
CA SER C 113 18.10 29.43 -26.03
C SER C 113 19.22 28.43 -26.31
N GLU C 114 19.90 28.05 -25.23
CA GLU C 114 21.18 27.35 -25.24
C GLU C 114 22.31 28.35 -25.44
N ALA D 7 -18.17 -37.05 10.05
CA ALA D 7 -16.96 -37.63 9.48
C ALA D 7 -17.30 -38.61 8.36
N VAL D 8 -16.27 -39.15 7.72
CA VAL D 8 -16.44 -40.11 6.64
C VAL D 8 -15.36 -41.19 6.67
N LYS D 9 -15.75 -42.42 6.36
CA LYS D 9 -14.83 -43.55 6.37
C LYS D 9 -14.43 -43.95 4.96
N PHE D 10 -13.13 -44.05 4.72
CA PHE D 10 -12.61 -44.48 3.42
C PHE D 10 -11.84 -45.78 3.53
N PRO D 11 -11.94 -46.63 2.49
CA PRO D 11 -11.22 -47.91 2.43
C PRO D 11 -9.72 -47.70 2.52
N GLN D 12 -8.97 -48.80 2.66
CA GLN D 12 -7.53 -48.72 2.76
C GLN D 12 -6.86 -49.54 1.67
N LEU D 13 -5.56 -49.36 1.50
CA LEU D 13 -4.80 -50.08 0.50
C LEU D 13 -4.41 -51.46 1.01
N CYS D 14 -4.57 -52.47 0.15
CA CYS D 14 -4.16 -53.83 0.47
C CYS D 14 -3.59 -54.50 -0.77
N LYS D 15 -2.68 -55.45 -0.56
CA LYS D 15 -2.24 -56.31 -1.65
C LYS D 15 -3.40 -57.19 -2.07
N PHE D 16 -3.63 -57.31 -3.37
CA PHE D 16 -4.73 -58.11 -3.86
C PHE D 16 -4.33 -58.97 -5.06
N CYS D 17 -3.57 -60.02 -4.81
CA CYS D 17 -3.12 -60.92 -5.87
C CYS D 17 -3.79 -62.29 -5.73
N ASP D 18 -4.57 -62.47 -4.67
CA ASP D 18 -5.23 -63.75 -4.41
C ASP D 18 -4.22 -64.86 -4.18
N VAL D 19 -4.65 -66.10 -4.41
CA VAL D 19 -3.78 -67.25 -4.24
C VAL D 19 -2.77 -67.36 -5.38
N ARG D 20 -1.50 -67.20 -5.04
CA ARG D 20 -0.43 -67.26 -6.03
C ARG D 20 0.69 -68.15 -5.53
N PHE D 21 1.56 -68.58 -6.44
CA PHE D 21 2.74 -69.36 -6.07
C PHE D 21 3.70 -68.56 -5.20
N SER D 22 4.53 -69.27 -4.43
CA SER D 22 5.49 -68.62 -3.53
C SER D 22 6.65 -69.55 -3.21
N THR D 23 7.75 -68.99 -2.72
CA THR D 23 8.91 -69.79 -2.34
C THR D 23 9.48 -69.28 -1.03
N CYS D 24 8.96 -68.16 -0.51
CA CYS D 24 9.31 -67.69 0.83
C CYS D 24 9.20 -68.86 1.81
N ASP D 25 10.33 -69.36 2.28
CA ASP D 25 10.33 -70.54 3.11
C ASP D 25 11.34 -70.45 4.25
N ASN D 26 10.96 -71.00 5.40
CA ASN D 26 11.81 -71.01 6.58
C ASN D 26 12.54 -69.70 6.76
N GLN D 27 11.80 -68.61 6.64
CA GLN D 27 12.36 -67.28 6.83
C GLN D 27 11.51 -66.45 7.78
N LYS D 28 12.13 -65.42 8.36
CA LYS D 28 11.43 -64.51 9.24
C LYS D 28 10.34 -63.74 8.50
N SER D 29 10.76 -63.00 7.48
CA SER D 29 9.84 -62.23 6.68
C SER D 29 10.17 -62.38 5.21
N CYS D 30 9.15 -62.22 4.38
CA CYS D 30 9.30 -62.23 2.94
C CYS D 30 8.39 -61.18 2.32
N MET D 31 8.54 -60.96 1.03
CA MET D 31 7.71 -59.97 0.35
C MET D 31 6.69 -60.64 -0.52
N SER D 32 5.42 -60.31 -0.30
CA SER D 32 4.34 -60.78 -1.17
C SER D 32 4.67 -60.40 -2.60
N ASN D 33 5.48 -59.36 -2.71
CA ASN D 33 6.00 -58.85 -3.97
C ASN D 33 5.09 -59.07 -5.17
N CYS D 34 3.80 -58.82 -4.98
CA CYS D 34 2.85 -58.87 -6.08
C CYS D 34 2.50 -57.44 -6.51
N SER D 35 2.63 -57.17 -7.80
CA SER D 35 2.49 -55.82 -8.33
C SER D 35 1.17 -55.15 -7.98
N ILE D 36 0.13 -55.95 -7.78
CA ILE D 36 -1.21 -55.40 -7.57
C ILE D 36 -1.47 -54.91 -6.13
N THR D 37 -1.57 -53.60 -5.98
CA THR D 37 -1.99 -52.98 -4.73
C THR D 37 -3.31 -52.28 -4.96
N SER D 38 -4.35 -52.69 -4.25
CA SER D 38 -5.70 -52.24 -4.55
C SER D 38 -6.38 -51.50 -3.42
N ILE D 39 -7.37 -50.70 -3.78
CA ILE D 39 -8.25 -50.03 -2.84
C ILE D 39 -9.45 -50.94 -2.55
N CYS D 40 -9.52 -51.45 -1.32
CA CYS D 40 -10.61 -52.34 -0.93
C CYS D 40 -11.98 -51.71 -1.23
N GLU D 41 -12.86 -52.50 -1.82
CA GLU D 41 -14.19 -52.02 -2.18
C GLU D 41 -14.98 -51.54 -0.96
N LYS D 42 -15.01 -52.36 0.08
CA LYS D 42 -15.76 -52.03 1.29
C LYS D 42 -14.86 -51.37 2.34
N PRO D 43 -15.32 -50.25 2.90
CA PRO D 43 -14.57 -49.50 3.93
C PRO D 43 -14.21 -50.39 5.13
N GLN D 44 -15.13 -51.26 5.52
CA GLN D 44 -14.95 -52.13 6.67
C GLN D 44 -13.89 -53.19 6.44
N GLU D 45 -13.52 -53.39 5.18
CA GLU D 45 -12.55 -54.42 4.82
C GLU D 45 -11.13 -54.08 5.25
N VAL D 46 -10.39 -55.10 5.65
CA VAL D 46 -8.99 -54.95 6.07
C VAL D 46 -8.08 -55.77 5.19
N CYS D 47 -6.79 -55.79 5.52
CA CYS D 47 -5.82 -56.59 4.79
C CYS D 47 -5.70 -57.99 5.39
N VAL D 48 -5.51 -58.98 4.53
CA VAL D 48 -5.35 -60.36 4.97
C VAL D 48 -4.32 -61.06 4.10
N ALA D 49 -3.49 -61.91 4.73
CA ALA D 49 -2.45 -62.64 4.00
C ALA D 49 -2.31 -64.06 4.52
N VAL D 50 -2.51 -65.03 3.62
CA VAL D 50 -2.42 -66.44 3.98
C VAL D 50 -1.18 -67.08 3.38
N TRP D 51 -0.51 -67.95 4.15
CA TRP D 51 0.62 -68.70 3.66
C TRP D 51 0.41 -70.20 3.89
N ARG D 52 0.54 -70.99 2.83
CA ARG D 52 0.28 -72.42 2.92
C ARG D 52 1.32 -73.23 2.14
N LYS D 53 1.66 -74.39 2.69
CA LYS D 53 2.61 -75.31 2.05
C LYS D 53 2.20 -76.74 2.33
N ASN D 54 1.31 -77.28 1.51
CA ASN D 54 0.79 -78.63 1.72
C ASN D 54 1.85 -79.71 1.73
N ASP D 55 2.39 -80.05 0.57
CA ASP D 55 3.37 -81.12 0.46
C ASP D 55 4.50 -80.84 -0.53
N GLU D 56 4.15 -80.62 -1.79
CA GLU D 56 5.15 -80.45 -2.85
C GLU D 56 5.09 -79.09 -3.54
N ASN D 57 4.73 -78.06 -2.80
CA ASN D 57 4.71 -76.69 -3.32
C ASN D 57 4.36 -75.67 -2.23
N ILE D 58 4.33 -74.40 -2.60
CA ILE D 58 4.01 -73.33 -1.65
C ILE D 58 3.07 -72.29 -2.27
N THR D 59 1.99 -71.97 -1.55
CA THR D 59 1.04 -70.97 -2.02
C THR D 59 1.19 -69.68 -1.21
N LEU D 60 0.52 -68.62 -1.67
CA LEU D 60 0.57 -67.33 -0.98
C LEU D 60 -0.58 -66.43 -1.41
N GLU D 61 -1.58 -66.30 -0.54
CA GLU D 61 -2.75 -65.52 -0.86
C GLU D 61 -2.69 -64.12 -0.22
N THR D 62 -3.20 -63.13 -0.95
CA THR D 62 -3.24 -61.76 -0.46
C THR D 62 -4.50 -61.06 -0.92
N VAL D 63 -5.36 -60.69 0.03
CA VAL D 63 -6.65 -60.09 -0.30
C VAL D 63 -7.14 -59.12 0.77
N CYS D 64 -8.26 -58.45 0.47
CA CYS D 64 -9.00 -57.68 1.45
C CYS D 64 -10.09 -58.58 2.00
N HIS D 65 -10.65 -58.23 3.15
CA HIS D 65 -11.63 -59.09 3.80
C HIS D 65 -12.22 -58.46 5.06
N ASP D 66 -13.55 -58.33 5.08
CA ASP D 66 -14.25 -57.80 6.24
C ASP D 66 -14.03 -58.72 7.45
N PRO D 67 -13.40 -58.19 8.51
CA PRO D 67 -13.04 -58.93 9.72
C PRO D 67 -14.20 -59.67 10.36
N LYS D 68 -15.42 -59.17 10.15
CA LYS D 68 -16.62 -59.79 10.70
C LYS D 68 -16.70 -61.27 10.29
N LEU D 69 -16.50 -61.53 9.01
CA LEU D 69 -16.52 -62.90 8.49
C LEU D 69 -15.21 -63.62 8.79
N PRO D 70 -15.27 -64.97 8.86
CA PRO D 70 -14.08 -65.80 9.10
C PRO D 70 -13.51 -66.35 7.81
N TYR D 71 -12.24 -66.03 7.55
CA TYR D 71 -11.55 -66.51 6.36
C TYR D 71 -10.95 -67.88 6.62
N HIS D 72 -11.51 -68.90 5.98
CA HIS D 72 -11.04 -70.28 6.15
C HIS D 72 -11.27 -70.77 7.57
N ASP D 73 -12.45 -70.51 8.11
CA ASP D 73 -12.80 -70.92 9.47
C ASP D 73 -11.85 -70.33 10.51
N PHE D 74 -11.62 -69.03 10.43
CA PHE D 74 -10.77 -68.34 11.39
C PHE D 74 -11.12 -66.86 11.48
N ILE D 75 -11.93 -66.50 12.46
CA ILE D 75 -12.27 -65.11 12.70
C ILE D 75 -11.00 -64.28 12.89
N LEU D 76 -10.85 -63.24 12.07
CA LEU D 76 -9.67 -62.38 12.15
C LEU D 76 -9.47 -61.85 13.56
N GLU D 77 -8.46 -62.38 14.25
CA GLU D 77 -8.15 -62.00 15.62
C GLU D 77 -7.55 -60.61 15.68
N ASP D 78 -6.43 -60.44 14.99
CA ASP D 78 -5.72 -59.17 14.98
C ASP D 78 -6.05 -58.35 13.74
N ALA D 79 -7.35 -58.21 13.45
CA ALA D 79 -7.80 -57.45 12.29
C ALA D 79 -7.56 -55.96 12.49
N ALA D 80 -7.30 -55.56 13.73
CA ALA D 80 -7.03 -54.17 14.07
C ALA D 80 -5.55 -53.96 14.37
N SER D 81 -4.76 -55.02 14.24
CA SER D 81 -3.32 -54.95 14.48
C SER D 81 -2.63 -54.12 13.40
N PRO D 82 -1.57 -53.40 13.78
CA PRO D 82 -0.79 -52.57 12.86
C PRO D 82 -0.03 -53.42 11.84
N LYS D 83 0.62 -54.47 12.32
CA LYS D 83 1.44 -55.32 11.45
C LYS D 83 0.76 -56.64 11.11
N CYS D 84 1.36 -57.38 10.20
CA CYS D 84 0.83 -58.68 9.79
C CYS D 84 1.52 -59.79 10.55
N ILE D 85 1.18 -59.92 11.84
CA ILE D 85 1.79 -60.93 12.70
C ILE D 85 1.43 -62.34 12.26
N MET D 86 2.37 -63.00 11.59
CA MET D 86 2.14 -64.36 11.10
C MET D 86 1.89 -65.34 12.24
N LYS D 87 0.62 -65.51 12.59
CA LYS D 87 0.23 -66.48 13.60
C LYS D 87 -0.02 -67.83 12.92
N GLU D 88 -0.01 -68.90 13.70
CA GLU D 88 -0.14 -70.24 13.13
C GLU D 88 -1.51 -70.85 13.42
N LYS D 89 -1.93 -71.77 12.54
CA LYS D 89 -3.20 -72.46 12.68
C LYS D 89 -3.07 -73.88 12.17
N LYS D 90 -3.51 -74.84 12.98
CA LYS D 90 -3.36 -76.26 12.65
C LYS D 90 -4.43 -76.75 11.68
N LYS D 91 -4.00 -77.36 10.58
CA LYS D 91 -4.90 -77.97 9.62
C LYS D 91 -4.34 -79.30 9.11
N PRO D 92 -5.22 -80.29 8.96
CA PRO D 92 -4.87 -81.67 8.57
C PRO D 92 -4.14 -81.75 7.23
N GLY D 93 -2.93 -82.31 7.26
CA GLY D 93 -2.16 -82.56 6.05
C GLY D 93 -1.63 -81.31 5.38
N GLU D 94 -1.48 -80.24 6.14
CA GLU D 94 -0.97 -78.99 5.60
C GLU D 94 -0.57 -78.00 6.69
N THR D 95 0.44 -77.18 6.39
CA THR D 95 0.81 -76.08 7.26
C THR D 95 -0.11 -74.90 6.96
N PHE D 96 -0.45 -74.13 7.98
CA PHE D 96 -1.39 -73.03 7.80
C PHE D 96 -1.02 -71.80 8.63
N PHE D 97 -0.34 -70.85 7.99
CA PHE D 97 -0.03 -69.57 8.62
C PHE D 97 -0.94 -68.48 8.06
N MET D 98 -1.57 -67.72 8.94
CA MET D 98 -2.46 -66.65 8.51
C MET D 98 -2.28 -65.40 9.37
N CYS D 99 -2.54 -64.24 8.76
CA CYS D 99 -2.37 -62.97 9.45
C CYS D 99 -3.34 -61.92 8.94
N SER D 100 -3.42 -60.81 9.66
CA SER D 100 -4.29 -59.70 9.26
C SER D 100 -3.81 -58.40 9.90
N CYS D 101 -4.30 -57.28 9.39
CA CYS D 101 -3.91 -55.97 9.90
C CYS D 101 -4.87 -54.87 9.45
N SER D 102 -4.62 -53.65 9.90
CA SER D 102 -5.52 -52.53 9.63
C SER D 102 -4.81 -51.31 9.04
N SER D 103 -3.53 -51.46 8.72
CA SER D 103 -2.78 -50.37 8.08
C SER D 103 -2.67 -50.60 6.58
N ASP D 104 -2.19 -49.59 5.86
CA ASP D 104 -2.07 -49.66 4.41
C ASP D 104 -0.95 -50.61 3.97
N GLU D 105 -1.26 -51.47 3.00
CA GLU D 105 -0.29 -52.42 2.44
C GLU D 105 0.45 -53.23 3.51
N CYS D 106 -0.24 -53.52 4.62
CA CYS D 106 0.37 -54.25 5.72
C CYS D 106 0.61 -55.71 5.38
N ASN D 107 -0.29 -56.27 4.57
CA ASN D 107 -0.18 -57.68 4.19
C ASN D 107 0.89 -57.94 3.14
N ASP D 108 1.68 -56.92 2.82
CA ASP D 108 2.78 -57.07 1.87
C ASP D 108 4.02 -57.63 2.55
N ASN D 109 4.12 -57.41 3.85
CA ASN D 109 5.26 -57.90 4.61
C ASN D 109 4.84 -58.80 5.77
N ILE D 110 4.95 -60.11 5.53
CA ILE D 110 4.59 -61.12 6.52
C ILE D 110 5.56 -61.12 7.70
N ILE D 111 5.06 -61.48 8.88
CA ILE D 111 5.87 -61.45 10.10
C ILE D 111 5.80 -62.76 10.90
N PHE D 112 6.55 -63.76 10.45
CA PHE D 112 6.57 -65.07 11.12
C PHE D 112 7.17 -64.96 12.52
N ALA E 3 -6.55 -12.83 -41.23
CA ALA E 3 -6.39 -12.45 -42.63
C ALA E 3 -4.92 -12.24 -42.98
N LEU E 4 -4.19 -11.61 -42.05
CA LEU E 4 -2.77 -11.30 -42.26
C LEU E 4 -1.91 -12.56 -42.14
N GLN E 5 -0.61 -12.36 -41.91
CA GLN E 5 0.34 -13.45 -41.77
C GLN E 5 1.71 -12.91 -41.38
N CYS E 6 2.10 -13.13 -40.13
CA CYS E 6 3.32 -12.54 -39.59
C CYS E 6 4.39 -13.57 -39.26
N PHE E 7 5.57 -13.08 -38.89
CA PHE E 7 6.68 -13.94 -38.52
C PHE E 7 6.73 -14.13 -37.00
N CYS E 8 6.68 -15.38 -36.56
CA CYS E 8 6.68 -15.70 -35.13
C CYS E 8 8.02 -16.31 -34.71
N HIS E 9 8.39 -16.11 -33.46
CA HIS E 9 9.67 -16.60 -32.94
C HIS E 9 9.53 -17.89 -32.14
N LEU E 10 8.53 -17.94 -31.28
CA LEU E 10 8.33 -19.08 -30.38
C LEU E 10 7.53 -20.20 -31.04
N CYS E 11 7.04 -19.94 -32.25
CA CYS E 11 6.22 -20.93 -32.97
C CYS E 11 7.09 -22.03 -33.58
N THR E 12 7.84 -22.73 -32.72
CA THR E 12 8.76 -23.77 -33.15
C THR E 12 8.18 -24.69 -34.22
N LYS E 13 7.35 -25.64 -33.80
CA LYS E 13 6.74 -26.58 -34.73
C LYS E 13 5.60 -25.95 -35.53
N ASP E 14 5.82 -24.73 -36.00
CA ASP E 14 4.82 -24.02 -36.81
C ASP E 14 5.53 -23.16 -37.86
N ASN E 15 6.63 -23.67 -38.39
CA ASN E 15 7.45 -22.94 -39.35
C ASN E 15 7.70 -21.47 -38.99
N PHE E 16 7.78 -21.19 -37.69
CA PHE E 16 8.08 -19.85 -37.19
C PHE E 16 7.19 -18.77 -37.82
N THR E 17 5.88 -19.01 -37.81
CA THR E 17 4.94 -18.04 -38.35
C THR E 17 3.63 -18.01 -37.55
N CYS E 18 2.70 -17.18 -38.00
CA CYS E 18 1.41 -17.03 -37.35
C CYS E 18 0.52 -16.11 -38.16
N VAL E 19 -0.79 -16.22 -37.96
CA VAL E 19 -1.74 -15.38 -38.69
C VAL E 19 -2.64 -14.61 -37.73
N THR E 20 -2.56 -13.28 -37.79
CA THR E 20 -3.41 -12.43 -36.96
C THR E 20 -4.20 -11.46 -37.82
N ASP E 21 -4.59 -10.34 -37.22
CA ASP E 21 -5.33 -9.29 -37.92
C ASP E 21 -4.83 -7.93 -37.45
N GLY E 22 -3.76 -7.96 -36.67
CA GLY E 22 -3.15 -6.73 -36.16
C GLY E 22 -1.87 -6.41 -36.91
N LEU E 23 -0.74 -6.72 -36.28
CA LEU E 23 0.57 -6.39 -36.84
C LEU E 23 1.63 -7.39 -36.37
N CYS E 24 2.82 -7.26 -36.92
CA CYS E 24 3.96 -8.09 -36.54
C CYS E 24 4.92 -7.29 -35.66
N PHE E 25 5.13 -7.77 -34.43
CA PHE E 25 5.98 -7.07 -33.48
C PHE E 25 7.43 -7.54 -33.56
N VAL E 26 8.36 -6.60 -33.41
CA VAL E 26 9.78 -6.91 -33.38
C VAL E 26 10.54 -5.89 -32.54
N SER E 27 11.49 -6.36 -31.74
CA SER E 27 12.31 -5.49 -30.92
C SER E 27 13.79 -5.79 -31.16
N VAL E 28 14.66 -5.11 -30.41
CA VAL E 28 16.09 -5.37 -30.46
C VAL E 28 16.76 -5.07 -29.11
N THR E 29 18.06 -5.32 -29.03
CA THR E 29 18.81 -5.07 -27.80
C THR E 29 18.97 -3.57 -27.56
N ASP E 33 28.37 -8.34 -23.45
CA ASP E 33 27.06 -7.89 -23.91
C ASP E 33 26.72 -8.39 -25.31
N LYS E 34 26.05 -9.55 -25.36
CA LYS E 34 25.63 -10.12 -26.64
C LYS E 34 24.49 -9.29 -27.26
N VAL E 35 23.66 -9.95 -28.07
CA VAL E 35 22.57 -9.26 -28.74
C VAL E 35 21.46 -10.23 -29.19
N ILE E 36 20.22 -9.92 -28.80
CA ILE E 36 19.08 -10.73 -29.18
C ILE E 36 17.86 -9.85 -29.43
N HIS E 37 16.81 -10.45 -29.99
CA HIS E 37 15.56 -9.73 -30.24
C HIS E 37 14.42 -10.70 -30.47
N ASN E 38 13.19 -10.20 -30.37
CA ASN E 38 12.02 -11.07 -30.40
C ASN E 38 10.92 -10.62 -31.36
N SER E 39 10.33 -11.57 -32.07
CA SER E 39 9.23 -11.31 -33.00
C SER E 39 7.99 -12.08 -32.55
N MET E 40 6.81 -11.56 -32.88
CA MET E 40 5.56 -12.18 -32.42
C MET E 40 4.33 -11.60 -33.10
N CYS E 41 3.19 -12.21 -32.83
CA CYS E 41 1.91 -11.74 -33.36
C CYS E 41 1.13 -10.92 -32.34
N ILE E 42 0.25 -10.06 -32.82
CA ILE E 42 -0.58 -9.23 -31.95
C ILE E 42 -1.98 -9.08 -32.52
N ALA E 43 -2.96 -9.69 -31.86
CA ALA E 43 -4.35 -9.57 -32.27
C ALA E 43 -4.79 -8.10 -32.28
N GLU E 44 -5.81 -7.78 -33.05
CA GLU E 44 -6.28 -6.40 -33.17
C GLU E 44 -7.06 -5.99 -31.92
N ILE E 45 -7.38 -6.97 -31.09
CA ILE E 45 -8.04 -6.70 -29.81
C ILE E 45 -7.02 -6.23 -28.79
N ASP E 46 -5.78 -6.67 -28.96
CA ASP E 46 -4.70 -6.31 -28.05
C ASP E 46 -4.14 -4.92 -28.37
N LEU E 47 -4.43 -4.41 -29.56
CA LEU E 47 -3.97 -3.09 -29.97
C LEU E 47 -4.71 -2.00 -29.20
N ILE E 48 -4.29 -1.78 -27.97
CA ILE E 48 -4.88 -0.76 -27.12
C ILE E 48 -3.84 0.28 -26.76
N PRO E 49 -4.14 1.57 -27.00
CA PRO E 49 -5.36 2.04 -27.66
C PRO E 49 -5.16 1.96 -29.17
N ARG E 50 -6.25 1.87 -29.92
CA ARG E 50 -6.13 1.62 -31.36
C ARG E 50 -5.34 2.71 -32.09
N ASP E 51 -5.75 3.96 -31.95
CA ASP E 51 -5.09 5.06 -32.65
C ASP E 51 -3.57 5.03 -32.47
N ARG E 52 -3.11 4.48 -31.36
CA ARG E 52 -1.68 4.35 -31.08
C ARG E 52 -1.43 3.35 -29.96
N PRO E 53 -1.44 2.05 -30.28
CA PRO E 53 -1.21 0.98 -29.32
C PRO E 53 0.11 1.14 -28.58
N PHE E 54 0.07 1.10 -27.24
CA PHE E 54 1.26 1.31 -26.43
C PHE E 54 2.32 0.25 -26.71
N VAL E 55 1.89 -0.93 -27.17
CA VAL E 55 2.81 -2.01 -27.46
C VAL E 55 3.71 -1.72 -28.65
N CYS E 56 3.29 -0.80 -29.51
CA CYS E 56 4.02 -0.50 -30.74
C CYS E 56 4.75 0.84 -30.70
N ALA E 57 4.47 1.64 -29.67
CA ALA E 57 5.08 2.95 -29.54
C ALA E 57 5.36 3.29 -28.08
N THR E 66 17.49 -0.60 -27.79
CA THR E 66 16.23 -1.35 -27.88
C THR E 66 15.21 -0.60 -28.73
N THR E 67 14.87 -1.18 -29.88
CA THR E 67 13.95 -0.56 -30.81
C THR E 67 12.67 -1.40 -30.91
N THR E 68 11.69 -0.90 -31.65
CA THR E 68 10.40 -1.57 -31.77
C THR E 68 9.67 -1.22 -33.08
N TYR E 69 9.26 -2.24 -33.82
CA TYR E 69 8.52 -2.05 -35.06
C TYR E 69 7.28 -2.94 -35.09
N CYS E 70 6.22 -2.47 -35.73
CA CYS E 70 4.98 -3.22 -35.83
C CYS E 70 4.44 -3.27 -37.26
N CYS E 71 5.27 -3.70 -38.20
CA CYS E 71 4.93 -3.71 -39.62
C CYS E 71 3.53 -4.24 -39.92
N ASN E 72 2.96 -3.78 -41.03
CA ASN E 72 1.64 -4.21 -41.47
C ASN E 72 1.67 -4.89 -42.83
N GLN E 73 2.31 -6.04 -42.91
CA GLN E 73 2.40 -6.80 -44.14
C GLN E 73 2.55 -8.29 -43.83
N ASP E 74 3.35 -8.98 -44.63
CA ASP E 74 3.61 -10.40 -44.41
C ASP E 74 5.09 -10.65 -44.18
N HIS E 75 5.41 -11.44 -43.16
CA HIS E 75 6.78 -11.81 -42.85
C HIS E 75 7.74 -10.62 -43.00
N CYS E 76 7.37 -9.48 -42.41
CA CYS E 76 8.18 -8.28 -42.48
C CYS E 76 8.90 -7.99 -41.17
N ASN E 77 9.69 -8.96 -40.71
CA ASN E 77 10.44 -8.81 -39.47
C ASN E 77 11.94 -8.73 -39.71
N LYS E 78 12.50 -7.54 -39.51
CA LYS E 78 13.92 -7.29 -39.79
C LYS E 78 14.82 -8.12 -38.89
N ILE E 79 16.11 -7.77 -38.89
CA ILE E 79 17.09 -8.45 -38.06
C ILE E 79 18.15 -7.47 -37.55
N ALA F 3 -26.91 -32.06 -2.70
CA ALA F 3 -27.42 -30.83 -2.10
C ALA F 3 -26.57 -30.40 -0.92
N LEU F 4 -25.49 -31.13 -0.68
CA LEU F 4 -24.59 -30.87 0.45
C LEU F 4 -24.22 -29.39 0.56
N GLN F 5 -24.06 -28.92 1.79
CA GLN F 5 -23.74 -27.52 2.06
C GLN F 5 -22.71 -27.44 3.17
N CYS F 6 -21.49 -27.04 2.80
CA CYS F 6 -20.37 -27.06 3.75
C CYS F 6 -19.99 -25.66 4.22
N PHE F 7 -19.09 -25.61 5.20
CA PHE F 7 -18.57 -24.35 5.70
C PHE F 7 -17.31 -23.98 4.93
N CYS F 8 -17.22 -22.74 4.51
CA CYS F 8 -16.08 -22.25 3.74
C CYS F 8 -15.74 -20.83 4.16
N HIS F 9 -14.46 -20.56 4.37
CA HIS F 9 -14.03 -19.29 4.93
C HIS F 9 -13.68 -18.25 3.85
N LEU F 10 -13.08 -18.69 2.76
CA LEU F 10 -12.77 -17.79 1.66
C LEU F 10 -14.05 -17.23 1.03
N CYS F 11 -15.17 -17.85 1.35
CA CYS F 11 -16.47 -17.44 0.82
C CYS F 11 -17.04 -16.31 1.66
N THR F 12 -16.38 -15.15 1.61
CA THR F 12 -16.78 -13.99 2.39
C THR F 12 -18.23 -13.60 2.17
N LYS F 13 -18.48 -12.83 1.10
CA LYS F 13 -19.83 -12.36 0.81
C LYS F 13 -20.73 -13.49 0.29
N ASP F 14 -20.48 -14.70 0.78
CA ASP F 14 -21.25 -15.87 0.37
C ASP F 14 -21.67 -16.68 1.59
N ASN F 15 -22.11 -15.97 2.63
CA ASN F 15 -22.60 -16.60 3.85
C ASN F 15 -21.49 -17.29 4.65
N PHE F 16 -20.29 -17.29 4.09
CA PHE F 16 -19.20 -18.10 4.62
C PHE F 16 -19.53 -19.58 4.46
N THR F 17 -20.36 -19.90 3.48
CA THR F 17 -20.71 -21.28 3.18
C THR F 17 -20.72 -21.50 1.68
N CYS F 18 -20.64 -22.76 1.28
CA CYS F 18 -20.72 -23.12 -0.13
C CYS F 18 -21.41 -24.46 -0.32
N VAL F 19 -22.14 -24.60 -1.42
CA VAL F 19 -22.85 -25.84 -1.72
C VAL F 19 -22.09 -26.67 -2.75
N THR F 20 -21.74 -27.90 -2.37
CA THR F 20 -20.97 -28.77 -3.26
C THR F 20 -21.73 -30.05 -3.57
N ASP F 21 -21.28 -30.77 -4.59
CA ASP F 21 -21.87 -32.04 -4.97
C ASP F 21 -20.96 -33.19 -4.51
N GLY F 22 -19.88 -32.85 -3.83
CA GLY F 22 -18.93 -33.84 -3.37
C GLY F 22 -18.92 -33.99 -1.87
N LEU F 23 -17.94 -33.37 -1.21
CA LEU F 23 -17.79 -33.49 0.23
C LEU F 23 -17.31 -32.18 0.86
N CYS F 24 -17.33 -32.14 2.18
CA CYS F 24 -16.80 -31.02 2.93
C CYS F 24 -15.38 -31.33 3.36
N PHE F 25 -14.58 -30.29 3.56
CA PHE F 25 -13.18 -30.48 3.91
C PHE F 25 -12.73 -29.53 5.02
N VAL F 26 -11.99 -30.07 5.98
CA VAL F 26 -11.43 -29.28 7.07
C VAL F 26 -10.02 -29.73 7.41
N SER F 27 -9.10 -28.77 7.46
CA SER F 27 -7.70 -29.09 7.74
C SER F 27 -7.14 -28.14 8.78
N VAL F 28 -6.51 -28.69 9.81
CA VAL F 28 -5.89 -27.89 10.86
C VAL F 28 -4.37 -28.01 10.81
N THR F 29 -3.68 -26.88 10.76
CA THR F 29 -2.21 -26.88 10.74
C THR F 29 -1.62 -26.15 11.94
N GLU F 30 -0.53 -26.68 12.47
CA GLU F 30 0.16 -26.08 13.61
C GLU F 30 1.09 -24.94 13.14
N THR F 31 0.96 -23.78 13.78
CA THR F 31 1.75 -22.60 13.42
C THR F 31 2.86 -22.32 14.42
N THR F 32 2.59 -21.42 15.37
CA THR F 32 3.57 -21.04 16.38
C THR F 32 2.97 -20.01 17.34
N VAL F 35 -2.93 -21.31 15.34
CA VAL F 35 -3.90 -22.25 14.77
C VAL F 35 -4.52 -21.75 13.46
N ILE F 36 -4.06 -22.32 12.35
CA ILE F 36 -4.61 -22.01 11.04
C ILE F 36 -5.35 -23.21 10.47
N HIS F 37 -6.67 -23.20 10.56
CA HIS F 37 -7.47 -24.26 9.94
C HIS F 37 -8.56 -23.73 9.01
N ASN F 38 -8.45 -24.08 7.73
CA ASN F 38 -9.40 -23.63 6.72
C ASN F 38 -10.35 -24.75 6.30
N SER F 39 -11.53 -24.37 5.85
CA SER F 39 -12.52 -25.33 5.38
C SER F 39 -13.04 -24.93 4.00
N MET F 40 -13.39 -25.93 3.20
CA MET F 40 -13.80 -25.68 1.83
C MET F 40 -14.73 -26.77 1.32
N CYS F 41 -15.24 -26.57 0.11
CA CYS F 41 -16.07 -27.57 -0.55
C CYS F 41 -15.31 -28.11 -1.75
N ILE F 42 -15.32 -29.42 -1.92
CA ILE F 42 -14.66 -30.03 -3.07
C ILE F 42 -15.62 -30.87 -3.90
N ALA F 43 -15.88 -30.43 -5.12
CA ALA F 43 -16.82 -31.12 -6.00
C ALA F 43 -16.36 -32.54 -6.27
N GLU F 44 -17.33 -33.43 -6.50
CA GLU F 44 -17.02 -34.83 -6.75
C GLU F 44 -16.11 -35.02 -7.96
N ILE F 45 -16.24 -34.12 -8.93
CA ILE F 45 -15.45 -34.20 -10.15
C ILE F 45 -13.97 -34.07 -9.82
N ASP F 46 -13.69 -33.50 -8.66
CA ASP F 46 -12.31 -33.33 -8.20
C ASP F 46 -11.94 -34.30 -7.07
N LEU F 47 -12.81 -35.28 -6.86
CA LEU F 47 -12.48 -36.39 -5.96
C LEU F 47 -11.82 -37.47 -6.81
N ILE F 48 -10.51 -37.66 -6.61
CA ILE F 48 -9.75 -38.59 -7.44
C ILE F 48 -8.81 -39.47 -6.60
N PRO F 49 -9.09 -40.78 -6.51
CA PRO F 49 -10.25 -41.45 -7.10
C PRO F 49 -11.46 -41.33 -6.19
N ARG F 50 -12.66 -41.50 -6.72
CA ARG F 50 -13.86 -41.36 -5.89
C ARG F 50 -13.87 -42.33 -4.71
N ASP F 51 -13.56 -43.59 -4.96
CA ASP F 51 -13.57 -44.61 -3.91
C ASP F 51 -12.70 -44.21 -2.72
N ARG F 52 -11.64 -43.45 -2.99
CA ARG F 52 -10.69 -43.06 -1.95
C ARG F 52 -9.87 -41.86 -2.43
N PRO F 53 -10.49 -40.66 -2.43
CA PRO F 53 -9.86 -39.43 -2.90
C PRO F 53 -8.61 -39.09 -2.09
N PHE F 54 -7.51 -38.81 -2.77
CA PHE F 54 -6.26 -38.51 -2.07
C PHE F 54 -6.36 -37.19 -1.32
N VAL F 55 -7.30 -36.36 -1.76
CA VAL F 55 -7.52 -35.06 -1.14
C VAL F 55 -8.02 -35.21 0.28
N CYS F 56 -8.69 -36.32 0.56
CA CYS F 56 -9.26 -36.56 1.88
C CYS F 56 -8.39 -37.48 2.73
N ALA F 57 -7.33 -37.99 2.12
CA ALA F 57 -6.34 -38.79 2.85
C ALA F 57 -5.10 -37.93 3.07
N PRO F 58 -5.14 -37.10 4.13
CA PRO F 58 -4.14 -36.05 4.43
C PRO F 58 -2.70 -36.52 4.32
N SER F 59 -1.81 -35.58 4.03
CA SER F 59 -0.39 -35.84 4.00
C SER F 59 0.24 -35.33 5.29
N SER F 60 1.57 -35.31 5.35
CA SER F 60 2.28 -34.84 6.53
C SER F 60 2.04 -33.36 6.78
N VAL F 65 2.76 -31.27 9.87
CA VAL F 65 1.95 -31.28 11.08
C VAL F 65 0.54 -30.79 10.77
N THR F 66 -0.25 -31.63 10.10
CA THR F 66 -1.60 -31.28 9.71
C THR F 66 -2.61 -32.38 10.05
N THR F 67 -3.89 -32.02 10.06
CA THR F 67 -4.94 -32.97 10.39
C THR F 67 -6.22 -32.69 9.60
N THR F 68 -6.33 -33.30 8.42
CA THR F 68 -7.47 -33.07 7.55
C THR F 68 -8.45 -34.26 7.59
N TYR F 69 -9.71 -34.00 7.28
CA TYR F 69 -10.71 -35.06 7.18
C TYR F 69 -11.96 -34.55 6.46
N CYS F 70 -12.64 -35.46 5.76
CA CYS F 70 -13.82 -35.09 4.99
C CYS F 70 -15.10 -35.59 5.65
N CYS F 71 -16.21 -34.92 5.34
CA CYS F 71 -17.52 -35.29 5.91
C CYS F 71 -18.65 -34.92 4.96
N ASN F 72 -19.72 -35.71 4.97
CA ASN F 72 -20.83 -35.54 4.03
C ASN F 72 -22.12 -35.03 4.67
N GLN F 73 -21.99 -34.28 5.75
CA GLN F 73 -23.15 -33.67 6.40
C GLN F 73 -23.04 -32.15 6.41
N ASP F 74 -24.18 -31.48 6.22
CA ASP F 74 -24.22 -30.02 6.23
C ASP F 74 -23.39 -29.44 7.36
N HIS F 75 -22.61 -28.41 7.04
CA HIS F 75 -21.81 -27.68 8.03
C HIS F 75 -21.11 -28.62 9.02
N CYS F 76 -20.51 -29.68 8.52
CA CYS F 76 -19.75 -30.58 9.37
C CYS F 76 -18.29 -30.14 9.46
N ASN F 77 -17.97 -29.02 8.82
CA ASN F 77 -16.63 -28.45 8.86
C ASN F 77 -16.37 -27.76 10.18
N LYS F 78 -16.36 -28.54 11.26
CA LYS F 78 -16.18 -27.99 12.61
C LYS F 78 -17.13 -26.80 12.83
N ALA G 1 0.44 21.31 -2.80
CA ALA G 1 1.76 21.22 -2.21
C ALA G 1 1.84 20.07 -1.22
N LEU G 2 2.53 19.01 -1.62
CA LEU G 2 2.60 17.78 -0.84
C LEU G 2 1.23 17.12 -0.72
N ASP G 3 0.49 17.13 -1.83
CA ASP G 3 -0.81 16.46 -1.90
C ASP G 3 -0.67 15.15 -2.67
N THR G 4 -1.78 14.43 -2.81
CA THR G 4 -1.77 13.16 -3.54
C THR G 4 -1.35 13.37 -4.98
N ASN G 5 -1.70 14.52 -5.54
CA ASN G 5 -1.33 14.85 -6.91
C ASN G 5 0.18 14.73 -7.13
N TYR G 6 0.96 15.14 -6.14
CA TYR G 6 2.42 15.10 -6.24
C TYR G 6 2.99 13.79 -5.71
N CYS G 7 2.68 13.49 -4.46
CA CYS G 7 3.27 12.34 -3.77
C CYS G 7 3.03 11.00 -4.48
N PHE G 8 1.84 10.84 -5.03
CA PHE G 8 1.48 9.63 -5.75
C PHE G 8 2.12 9.57 -7.13
N SER G 9 2.40 10.75 -7.68
CA SER G 9 2.92 10.85 -9.04
C SER G 9 4.45 10.78 -9.08
N SER G 10 5.08 11.20 -8.00
CA SER G 10 6.54 11.15 -7.90
C SER G 10 6.98 10.18 -6.82
N THR G 11 8.26 10.21 -6.49
CA THR G 11 8.80 9.30 -5.49
C THR G 11 9.96 9.93 -4.73
N GLU G 12 9.81 10.05 -3.42
CA GLU G 12 10.85 10.62 -2.58
C GLU G 12 10.68 10.25 -1.12
N LYS G 13 11.77 10.36 -0.36
CA LYS G 13 11.81 9.88 1.02
C LYS G 13 11.25 10.87 2.03
N ASN G 14 11.24 12.15 1.67
CA ASN G 14 10.77 13.19 2.57
C ASN G 14 9.26 13.12 2.84
N CYS G 15 8.82 13.81 3.88
CA CYS G 15 7.42 13.85 4.28
C CYS G 15 6.49 13.95 3.08
N CYS G 16 5.58 12.99 2.96
CA CYS G 16 4.65 12.95 1.84
C CYS G 16 3.50 12.01 2.15
N VAL G 17 2.37 12.20 1.48
CA VAL G 17 1.20 11.37 1.74
C VAL G 17 1.33 9.98 1.12
N ARG G 18 1.31 8.95 1.97
CA ARG G 18 1.50 7.58 1.52
C ARG G 18 0.17 6.85 1.37
N GLN G 19 0.23 5.63 0.86
CA GLN G 19 -0.96 4.82 0.66
C GLN G 19 -1.33 4.10 1.95
N LEU G 20 -2.62 4.03 2.26
CA LEU G 20 -3.09 3.28 3.43
C LEU G 20 -4.55 2.89 3.35
N TYR G 21 -4.81 1.61 3.08
CA TYR G 21 -6.17 1.09 3.11
C TYR G 21 -6.57 0.79 4.54
N ILE G 22 -7.86 0.88 4.83
CA ILE G 22 -8.37 0.57 6.16
C ILE G 22 -9.66 -0.23 6.05
N ASP G 23 -9.70 -1.36 6.76
CA ASP G 23 -10.92 -2.13 6.89
C ASP G 23 -11.57 -1.79 8.22
N PHE G 24 -12.79 -1.27 8.18
CA PHE G 24 -13.48 -0.83 9.38
C PHE G 24 -13.54 -1.89 10.47
N ARG G 25 -14.01 -3.08 10.12
CA ARG G 25 -14.23 -4.14 11.10
C ARG G 25 -12.92 -4.63 11.72
N LYS G 26 -11.91 -4.76 10.87
CA LYS G 26 -10.64 -5.37 11.25
C LYS G 26 -9.66 -4.40 11.90
N ASP G 27 -9.54 -3.21 11.32
CA ASP G 27 -8.50 -2.26 11.73
C ASP G 27 -9.00 -1.20 12.70
N LEU G 28 -10.27 -0.83 12.60
CA LEU G 28 -10.84 0.17 13.49
C LEU G 28 -11.70 -0.47 14.57
N GLY G 29 -12.24 -1.65 14.28
CA GLY G 29 -13.08 -2.36 15.21
C GLY G 29 -14.55 -2.03 15.07
N TRP G 30 -14.87 -1.12 14.15
CA TRP G 30 -16.26 -0.73 13.93
C TRP G 30 -17.05 -1.83 13.26
N LYS G 31 -18.28 -2.03 13.73
CA LYS G 31 -19.16 -3.03 13.14
C LYS G 31 -20.45 -2.40 12.63
N TRP G 32 -20.53 -1.06 12.65
CA TRP G 32 -21.79 -0.38 12.35
C TRP G 32 -21.93 0.11 10.90
N ILE G 33 -20.80 0.29 10.22
CA ILE G 33 -20.83 0.75 8.84
C ILE G 33 -21.19 -0.37 7.88
N HIS G 34 -22.25 -0.17 7.11
CA HIS G 34 -22.71 -1.17 6.16
C HIS G 34 -22.00 -1.03 4.83
N GLU G 35 -21.61 0.21 4.49
CA GLU G 35 -20.89 0.49 3.24
C GLU G 35 -19.99 1.70 3.42
N PRO G 36 -18.74 1.60 2.94
CA PRO G 36 -18.17 0.38 2.37
C PRO G 36 -17.56 -0.48 3.47
N LYS G 37 -17.04 -1.65 3.13
CA LYS G 37 -16.39 -2.50 4.11
C LYS G 37 -14.97 -2.02 4.41
N GLY G 38 -14.60 -0.90 3.80
CA GLY G 38 -13.30 -0.30 3.99
C GLY G 38 -13.07 0.84 3.02
N TYR G 39 -11.93 1.54 3.16
CA TYR G 39 -11.66 2.68 2.30
C TYR G 39 -10.17 3.08 2.33
N HIS G 40 -9.75 3.82 1.31
CA HIS G 40 -8.38 4.30 1.24
C HIS G 40 -8.23 5.64 1.94
N ALA G 41 -7.49 5.65 3.04
CA ALA G 41 -7.39 6.83 3.88
C ALA G 41 -6.07 7.58 3.68
N ASN G 42 -5.04 6.87 3.27
CA ASN G 42 -3.71 7.44 3.14
C ASN G 42 -3.19 7.85 4.51
N PHE G 43 -1.97 8.35 4.54
CA PHE G 43 -1.39 8.85 5.79
C PHE G 43 -0.04 9.52 5.52
N CYS G 44 0.37 10.39 6.44
CA CYS G 44 1.58 11.18 6.24
C CYS G 44 2.80 10.52 6.88
N LEU G 45 3.85 10.33 6.10
CA LEU G 45 5.08 9.73 6.57
C LEU G 45 6.30 10.26 5.82
N GLY G 46 7.41 10.39 6.54
CA GLY G 46 8.65 10.88 5.97
C GLY G 46 9.29 11.96 6.83
N PRO G 47 10.64 12.00 6.84
CA PRO G 47 11.40 13.00 7.59
C PRO G 47 11.11 14.42 7.10
N CYS G 48 11.32 15.40 7.97
CA CYS G 48 11.11 16.80 7.62
C CYS G 48 12.40 17.61 7.66
N PRO G 49 13.24 17.45 6.62
CA PRO G 49 14.50 18.21 6.53
C PRO G 49 14.21 19.71 6.49
N TYR G 50 15.24 20.53 6.69
CA TYR G 50 15.06 21.97 6.68
C TYR G 50 14.49 22.44 5.34
N ILE G 51 13.52 23.34 5.43
CA ILE G 51 12.88 23.97 4.27
C ILE G 51 12.16 22.98 3.34
N TRP G 52 11.70 21.88 3.90
CA TRP G 52 10.86 20.95 3.16
C TRP G 52 9.41 21.01 3.61
N SER G 53 8.64 21.89 2.98
CA SER G 53 7.24 22.09 3.34
C SER G 53 7.05 22.25 4.85
N LEU G 54 7.67 23.28 5.41
CA LEU G 54 7.55 23.57 6.83
C LEU G 54 6.41 24.54 7.09
N ASP G 55 5.40 24.06 7.80
CA ASP G 55 4.17 24.82 8.04
C ASP G 55 4.43 26.27 8.44
N THR G 56 4.88 26.47 9.68
CA THR G 56 5.07 27.80 10.22
C THR G 56 6.53 28.12 10.53
N GLN G 57 6.76 29.28 11.14
CA GLN G 57 8.13 29.67 11.48
C GLN G 57 8.76 28.79 12.55
N TYR G 58 7.97 28.42 13.56
CA TYR G 58 8.47 27.52 14.59
C TYR G 58 8.91 26.21 13.96
N SER G 59 8.27 25.86 12.85
CA SER G 59 8.63 24.66 12.12
C SER G 59 10.07 24.78 11.60
N LYS G 60 10.37 25.90 10.97
CA LYS G 60 11.71 26.15 10.46
C LYS G 60 12.74 26.22 11.58
N VAL G 61 12.43 26.98 12.62
CA VAL G 61 13.31 27.12 13.77
C VAL G 61 13.64 25.77 14.39
N LEU G 62 12.65 24.89 14.43
CA LEU G 62 12.84 23.55 14.99
C LEU G 62 13.65 22.67 14.04
N ALA G 63 13.55 22.94 12.74
CA ALA G 63 14.33 22.19 11.77
C ALA G 63 15.79 22.62 11.78
N LEU G 64 16.03 23.93 11.78
CA LEU G 64 17.39 24.47 11.87
C LEU G 64 18.08 23.92 13.10
N TYR G 65 17.43 24.04 14.25
CA TYR G 65 17.95 23.52 15.50
C TYR G 65 18.36 22.06 15.33
N ASN G 66 17.41 21.24 14.89
CA ASN G 66 17.65 19.82 14.68
C ASN G 66 18.86 19.61 13.77
N GLN G 67 18.91 20.37 12.69
CA GLN G 67 20.00 20.30 11.72
C GLN G 67 21.36 20.56 12.38
N HIS G 68 21.36 21.41 13.40
CA HIS G 68 22.58 21.74 14.12
C HIS G 68 22.81 20.78 15.29
N ASN G 69 21.74 20.13 15.73
CA ASN G 69 21.85 19.11 16.78
C ASN G 69 21.28 17.77 16.31
N PRO G 70 21.95 17.15 15.33
CA PRO G 70 21.48 15.90 14.72
C PRO G 70 21.00 14.90 15.76
N GLY G 71 19.82 14.34 15.53
CA GLY G 71 19.20 13.44 16.49
C GLY G 71 19.04 14.09 17.85
N ALA G 72 18.13 15.06 17.94
CA ALA G 72 17.91 15.79 19.18
C ALA G 72 16.56 15.47 19.81
N SER G 73 15.83 14.55 19.19
CA SER G 73 14.51 14.16 19.67
C SER G 73 13.55 15.35 19.66
N ALA G 74 13.73 16.24 18.69
CA ALA G 74 12.87 17.42 18.56
C ALA G 74 12.93 17.97 17.15
N ALA G 75 11.93 17.64 16.35
CA ALA G 75 11.87 18.06 14.97
C ALA G 75 10.42 18.14 14.49
N PRO G 76 10.20 18.72 13.30
CA PRO G 76 8.85 18.77 12.74
C PRO G 76 8.36 17.37 12.39
N CYS G 77 7.08 17.11 12.62
CA CYS G 77 6.50 15.81 12.31
C CYS G 77 5.61 15.90 11.07
N CYS G 78 5.59 14.83 10.30
CA CYS G 78 4.79 14.78 9.09
C CYS G 78 3.35 14.46 9.43
N VAL G 79 2.51 15.49 9.48
CA VAL G 79 1.10 15.32 9.83
C VAL G 79 0.20 15.79 8.71
N PRO G 80 -1.04 15.26 8.66
CA PRO G 80 -2.02 15.66 7.64
C PRO G 80 -2.34 17.15 7.72
N GLN G 81 -2.89 17.68 6.64
CA GLN G 81 -3.28 19.09 6.57
C GLN G 81 -4.68 19.21 6.00
N ALA G 82 -4.87 18.64 4.81
CA ALA G 82 -6.17 18.65 4.15
C ALA G 82 -6.88 17.32 4.33
N LEU G 83 -8.01 17.34 5.04
CA LEU G 83 -8.80 16.13 5.24
C LEU G 83 -10.11 16.19 4.48
N GLU G 84 -10.51 15.06 3.90
CA GLU G 84 -11.72 14.98 3.10
C GLU G 84 -12.73 14.01 3.71
N PRO G 85 -13.97 14.03 3.22
CA PRO G 85 -15.04 13.20 3.75
C PRO G 85 -15.03 11.76 3.22
N LEU G 86 -16.01 10.97 3.64
CA LEU G 86 -16.16 9.60 3.16
C LEU G 86 -17.63 9.20 3.16
N PRO G 87 -18.25 9.17 1.98
CA PRO G 87 -19.64 8.76 1.82
C PRO G 87 -19.85 7.33 2.32
N ILE G 88 -20.66 7.16 3.36
CA ILE G 88 -20.92 5.86 3.93
C ILE G 88 -22.40 5.51 3.92
N VAL G 89 -22.73 4.31 4.39
CA VAL G 89 -24.10 3.88 4.54
C VAL G 89 -24.20 2.99 5.77
N TYR G 90 -24.98 3.41 6.77
CA TYR G 90 -25.17 2.60 7.96
C TYR G 90 -26.65 2.54 8.35
N TYR G 91 -27.05 1.42 8.95
CA TYR G 91 -28.46 1.20 9.28
C TYR G 91 -28.87 1.68 10.66
N VAL G 92 -29.96 2.43 10.72
CA VAL G 92 -30.59 2.78 11.98
C VAL G 92 -31.99 2.17 12.01
N GLY G 93 -32.09 0.91 12.41
CA GLY G 93 -33.33 0.20 12.36
C GLY G 93 -33.45 -0.58 11.07
N ARG G 94 -34.32 -0.12 10.18
CA ARG G 94 -34.46 -0.72 8.86
C ARG G 94 -34.13 0.26 7.75
N LYS G 95 -34.32 1.55 8.03
CA LYS G 95 -34.06 2.59 7.04
C LYS G 95 -32.60 3.04 7.10
N PRO G 96 -31.80 2.60 6.12
CA PRO G 96 -30.37 2.89 6.06
C PRO G 96 -30.12 4.39 5.94
N LYS G 97 -29.35 4.94 6.86
CA LYS G 97 -28.91 6.33 6.76
C LYS G 97 -27.69 6.45 5.85
N VAL G 98 -27.82 7.24 4.79
CA VAL G 98 -26.73 7.49 3.88
C VAL G 98 -26.21 8.89 4.11
N GLU G 99 -24.99 8.99 4.64
CA GLU G 99 -24.44 10.29 5.02
C GLU G 99 -22.92 10.39 4.86
N GLN G 100 -22.39 11.59 5.10
CA GLN G 100 -20.97 11.88 4.93
C GLN G 100 -20.21 11.72 6.23
N LEU G 101 -19.01 11.15 6.13
CA LEU G 101 -18.09 11.07 7.27
C LEU G 101 -16.95 12.06 7.06
N SER G 102 -16.95 13.12 7.86
CA SER G 102 -16.01 14.22 7.67
C SER G 102 -14.58 13.88 8.10
N ASN G 103 -13.61 14.55 7.48
CA ASN G 103 -12.20 14.38 7.82
C ASN G 103 -11.80 12.92 8.00
N MET G 104 -12.02 12.12 6.96
CA MET G 104 -11.75 10.69 7.00
C MET G 104 -10.59 10.30 6.09
N ILE G 105 -10.36 11.13 5.07
CA ILE G 105 -9.30 10.86 4.10
C ILE G 105 -8.35 12.05 4.03
N VAL G 106 -7.07 11.80 3.74
CA VAL G 106 -6.09 12.87 3.66
C VAL G 106 -5.65 13.16 2.23
N ARG G 107 -5.67 14.44 1.86
CA ARG G 107 -5.21 14.90 0.55
C ARG G 107 -3.73 15.28 0.60
N SER G 108 -3.41 16.16 1.54
CA SER G 108 -2.05 16.70 1.62
C SER G 108 -1.47 16.58 3.03
N CYS G 109 -0.15 16.62 3.11
CA CYS G 109 0.55 16.57 4.40
C CYS G 109 1.31 17.87 4.61
N LYS G 110 1.89 18.04 5.80
CA LYS G 110 2.70 19.22 6.09
C LYS G 110 3.60 18.98 7.29
N CYS G 111 4.81 19.52 7.24
CA CYS G 111 5.77 19.36 8.32
C CYS G 111 5.54 20.39 9.43
N SER G 112 5.22 19.91 10.62
CA SER G 112 5.01 20.78 11.77
C SER G 112 5.08 19.98 13.06
N ALA H 1 -5.52 20.42 23.85
CA ALA H 1 -5.84 20.13 25.24
C ALA H 1 -4.59 20.19 26.11
N LEU H 2 -3.57 19.44 25.72
CA LEU H 2 -2.30 19.41 26.44
C LEU H 2 -1.60 20.76 26.32
N ASP H 3 -1.32 21.40 27.45
CA ASP H 3 -0.63 22.69 27.43
C ASP H 3 0.41 22.82 28.55
N THR H 4 1.21 23.88 28.47
CA THR H 4 2.29 24.12 29.42
C THR H 4 1.84 23.90 30.87
N ASN H 5 0.70 24.48 31.23
CA ASN H 5 0.20 24.39 32.60
C ASN H 5 0.09 22.95 33.10
N TYR H 6 -0.42 22.07 32.24
CA TYR H 6 -0.66 20.69 32.64
C TYR H 6 0.60 19.83 32.67
N CYS H 7 1.52 20.09 31.74
CA CYS H 7 2.66 19.18 31.56
C CYS H 7 3.96 19.65 32.20
N PHE H 8 4.03 20.94 32.52
CA PHE H 8 5.18 21.48 33.21
C PHE H 8 5.06 21.20 34.70
N SER H 9 3.83 20.93 35.14
CA SER H 9 3.56 20.65 36.54
C SER H 9 3.68 19.16 36.85
N SER H 10 3.34 18.33 35.87
CA SER H 10 3.35 16.88 36.06
C SER H 10 4.35 16.18 35.15
N THR H 11 4.06 14.92 34.83
CA THR H 11 4.91 14.13 33.96
C THR H 11 4.11 12.95 33.39
N GLU H 12 3.50 13.17 32.23
CA GLU H 12 2.62 12.17 31.62
C GLU H 12 3.34 11.30 30.60
N LYS H 13 4.59 11.65 30.29
CA LYS H 13 5.41 10.91 29.33
C LYS H 13 4.59 10.48 28.11
N ASN H 14 3.55 11.25 27.82
CA ASN H 14 2.68 11.00 26.68
C ASN H 14 2.58 12.31 25.92
N CYS H 15 2.25 12.26 24.63
CA CYS H 15 2.24 13.46 23.80
C CYS H 15 1.96 14.73 24.59
N CYS H 16 2.93 15.62 24.62
CA CYS H 16 2.77 16.92 25.26
C CYS H 16 4.02 17.79 25.16
N VAL H 17 3.88 19.07 25.48
CA VAL H 17 4.99 20.02 25.41
C VAL H 17 6.11 19.69 26.39
N ARG H 18 7.24 19.26 25.87
CA ARG H 18 8.45 19.16 26.68
C ARG H 18 9.03 20.57 26.75
N GLN H 19 10.16 20.73 27.43
CA GLN H 19 10.78 22.04 27.54
C GLN H 19 12.08 22.10 26.76
N LEU H 20 12.22 23.13 25.94
CA LEU H 20 13.41 23.31 25.10
C LEU H 20 13.83 24.77 25.04
N TYR H 21 15.12 25.00 25.16
CA TYR H 21 15.69 26.34 25.03
C TYR H 21 16.54 26.41 23.77
N ILE H 22 16.43 27.51 23.04
CA ILE H 22 17.15 27.66 21.77
C ILE H 22 18.06 28.87 21.76
N ASP H 23 19.36 28.62 21.74
CA ASP H 23 20.35 29.69 21.62
C ASP H 23 20.51 30.06 20.15
N PHE H 24 20.25 31.33 19.83
CA PHE H 24 20.24 31.77 18.43
C PHE H 24 21.56 31.58 17.70
N ARG H 25 22.67 31.86 18.37
CA ARG H 25 23.97 31.83 17.72
C ARG H 25 24.56 30.43 17.61
N LYS H 26 24.09 29.52 18.45
CA LYS H 26 24.71 28.19 18.52
C LYS H 26 23.75 27.05 18.14
N ASP H 27 22.45 27.31 18.22
CA ASP H 27 21.45 26.32 17.86
C ASP H 27 20.91 26.55 16.45
N LEU H 28 20.61 27.81 16.14
CA LEU H 28 20.09 28.17 14.83
C LEU H 28 21.15 28.77 13.93
N GLY H 29 22.17 29.36 14.54
CA GLY H 29 23.24 30.00 13.78
C GLY H 29 22.89 31.39 13.29
N TRP H 30 21.93 32.04 13.95
CA TRP H 30 21.59 33.43 13.66
C TRP H 30 22.47 34.38 14.47
N LYS H 31 23.00 35.40 13.82
CA LYS H 31 23.86 36.37 14.50
C LYS H 31 23.31 37.79 14.33
N TRP H 32 22.09 37.88 13.83
CA TRP H 32 21.47 39.16 13.50
C TRP H 32 20.48 39.60 14.58
N ILE H 33 20.32 38.78 15.61
CA ILE H 33 19.43 39.12 16.71
C ILE H 33 20.20 39.66 17.90
N HIS H 34 20.03 40.95 18.15
CA HIS H 34 20.71 41.63 19.25
C HIS H 34 20.15 41.21 20.60
N GLU H 35 18.85 40.90 20.63
CA GLU H 35 18.20 40.45 21.86
C GLU H 35 16.80 39.93 21.53
N PRO H 36 16.40 38.83 22.17
CA PRO H 36 17.15 38.07 23.18
C PRO H 36 18.25 37.22 22.56
N LYS H 37 19.15 36.69 23.38
CA LYS H 37 20.20 35.80 22.90
C LYS H 37 19.67 34.40 22.73
N GLY H 38 18.50 34.16 23.33
CA GLY H 38 17.86 32.85 23.26
C GLY H 38 16.45 32.92 23.82
N TYR H 39 15.69 31.85 23.65
CA TYR H 39 14.32 31.82 24.13
C TYR H 39 13.81 30.39 24.22
N HIS H 40 12.84 30.16 25.10
CA HIS H 40 12.27 28.84 25.29
C HIS H 40 11.22 28.55 24.24
N ALA H 41 11.58 27.75 23.24
CA ALA H 41 10.68 27.42 22.16
C ALA H 41 9.87 26.17 22.49
N ASN H 42 10.39 25.35 23.40
CA ASN H 42 9.75 24.10 23.76
C ASN H 42 9.53 23.21 22.54
N PHE H 43 8.86 22.08 22.75
CA PHE H 43 8.55 21.18 21.65
C PHE H 43 7.55 20.11 22.10
N CYS H 44 6.96 19.42 21.14
CA CYS H 44 5.97 18.40 21.43
C CYS H 44 6.58 17.02 21.28
N LEU H 45 6.31 16.14 22.23
CA LEU H 45 6.86 14.80 22.21
C LEU H 45 6.00 13.82 23.01
N GLY H 46 6.00 12.56 22.58
CA GLY H 46 5.22 11.53 23.24
C GLY H 46 4.27 10.82 22.30
N PRO H 47 3.92 9.57 22.64
CA PRO H 47 2.98 8.77 21.84
C PRO H 47 1.56 9.33 21.90
N CYS H 48 0.68 8.81 21.06
CA CYS H 48 -0.71 9.24 21.04
C CYS H 48 -1.66 8.05 21.06
N PRO H 49 -1.95 7.52 22.27
CA PRO H 49 -2.87 6.40 22.47
C PRO H 49 -4.29 6.79 22.04
N TYR H 50 -5.22 5.84 22.07
CA TYR H 50 -6.59 6.14 21.69
C TYR H 50 -7.25 7.12 22.66
N ILE H 51 -7.92 8.12 22.09
CA ILE H 51 -8.51 9.20 22.88
C ILE H 51 -7.51 9.79 23.86
N TRP H 52 -6.55 10.53 23.31
CA TRP H 52 -5.59 11.28 24.11
C TRP H 52 -5.28 12.58 23.38
N SER H 53 -6.16 13.55 23.54
CA SER H 53 -6.07 14.82 22.83
C SER H 53 -5.97 14.58 21.33
N LEU H 54 -6.89 13.78 20.79
CA LEU H 54 -6.93 13.51 19.36
C LEU H 54 -7.60 14.67 18.63
N ASP H 55 -6.84 15.32 17.75
CA ASP H 55 -7.28 16.54 17.08
C ASP H 55 -8.57 16.37 16.27
N THR H 56 -8.58 15.37 15.38
CA THR H 56 -9.66 15.23 14.42
C THR H 56 -10.16 13.79 14.24
N GLN H 57 -11.25 13.65 13.47
CA GLN H 57 -11.80 12.34 13.11
C GLN H 57 -10.72 11.39 12.64
N TYR H 58 -9.91 11.86 11.69
CA TYR H 58 -8.84 11.05 11.15
C TYR H 58 -7.87 10.60 12.24
N SER H 59 -7.55 11.51 13.15
CA SER H 59 -6.66 11.19 14.26
C SER H 59 -7.20 10.01 15.05
N LYS H 60 -8.50 10.03 15.30
CA LYS H 60 -9.15 8.93 16.04
C LYS H 60 -9.06 7.62 15.24
N VAL H 61 -9.20 7.74 13.92
CA VAL H 61 -9.08 6.57 13.05
C VAL H 61 -7.67 5.99 13.09
N LEU H 62 -6.67 6.83 12.88
CA LEU H 62 -5.27 6.39 12.92
C LEU H 62 -4.91 5.75 14.26
N ALA H 63 -5.42 6.34 15.33
CA ALA H 63 -5.22 5.78 16.66
C ALA H 63 -5.82 4.39 16.73
N LEU H 64 -7.11 4.28 16.41
CA LEU H 64 -7.79 2.98 16.42
C LEU H 64 -7.09 1.99 15.51
N TYR H 65 -6.49 2.49 14.44
CA TYR H 65 -5.76 1.64 13.51
C TYR H 65 -4.50 1.08 14.16
N ASN H 66 -3.71 1.98 14.75
CA ASN H 66 -2.46 1.59 15.38
C ASN H 66 -2.69 0.72 16.60
N GLN H 67 -3.94 0.66 17.07
CA GLN H 67 -4.28 -0.15 18.24
C GLN H 67 -4.45 -1.60 17.83
N HIS H 68 -5.20 -1.79 16.75
CA HIS H 68 -5.46 -3.13 16.21
C HIS H 68 -4.27 -3.60 15.37
N ASN H 69 -3.37 -2.69 15.05
CA ASN H 69 -2.17 -3.00 14.27
C ASN H 69 -0.92 -2.42 14.94
N PRO H 70 -0.11 -3.30 15.54
CA PRO H 70 1.09 -2.91 16.30
C PRO H 70 2.24 -2.49 15.39
N GLY H 71 2.93 -1.41 15.76
CA GLY H 71 4.04 -0.91 14.99
C GLY H 71 3.69 -0.69 13.53
N ALA H 72 2.48 -0.19 13.30
CA ALA H 72 1.96 0.01 11.95
C ALA H 72 2.64 1.16 11.22
N SER H 73 3.41 1.96 11.96
CA SER H 73 4.08 3.12 11.39
C SER H 73 3.10 4.24 11.08
N ALA H 74 1.82 3.96 11.26
CA ALA H 74 0.77 4.94 11.01
C ALA H 74 0.00 5.22 12.30
N ALA H 75 0.28 6.38 12.91
CA ALA H 75 -0.37 6.74 14.16
C ALA H 75 -0.34 8.25 14.36
N PRO H 76 -1.30 8.77 15.13
CA PRO H 76 -1.36 10.20 15.44
C PRO H 76 -0.02 10.70 15.98
N CYS H 77 0.37 11.90 15.59
CA CYS H 77 1.67 12.44 15.96
C CYS H 77 1.54 13.65 16.88
N CYS H 78 2.42 13.74 17.87
CA CYS H 78 2.41 14.85 18.81
C CYS H 78 2.96 16.12 18.17
N VAL H 79 2.08 17.06 17.85
CA VAL H 79 2.46 18.30 17.18
C VAL H 79 1.75 19.50 17.79
N PRO H 80 2.41 20.66 17.81
CA PRO H 80 1.93 21.90 18.44
C PRO H 80 0.55 22.33 17.97
N GLN H 81 -0.20 22.99 18.84
CA GLN H 81 -1.52 23.49 18.50
C GLN H 81 -1.59 25.00 18.68
N ALA H 82 -0.99 25.50 19.75
CA ALA H 82 -0.98 26.94 20.04
C ALA H 82 0.44 27.50 19.97
N LEU H 83 0.70 28.33 18.95
CA LEU H 83 1.99 29.00 18.83
C LEU H 83 1.88 30.45 19.27
N GLU H 84 2.97 30.99 19.81
CA GLU H 84 2.97 32.37 20.32
C GLU H 84 4.16 33.19 19.82
N PRO H 85 3.92 34.49 19.61
CA PRO H 85 4.92 35.47 19.14
C PRO H 85 6.08 35.66 20.10
N LEU H 86 7.22 36.09 19.57
CA LEU H 86 8.41 36.36 20.37
C LEU H 86 9.02 37.69 19.98
N PRO H 87 8.86 38.71 20.84
CA PRO H 87 9.42 40.05 20.60
C PRO H 87 10.95 40.03 20.59
N ILE H 88 11.54 40.65 19.58
CA ILE H 88 13.00 40.72 19.50
C ILE H 88 13.48 42.12 19.10
N VAL H 89 14.75 42.38 19.36
CA VAL H 89 15.36 43.66 19.01
C VAL H 89 16.58 43.45 18.13
N TYR H 90 16.48 43.86 16.87
CA TYR H 90 17.61 43.76 15.96
C TYR H 90 17.90 45.09 15.27
N TYR H 91 19.18 45.39 15.09
CA TYR H 91 19.62 46.65 14.52
C TYR H 91 19.75 46.60 13.01
N VAL H 92 18.96 47.42 12.31
CA VAL H 92 19.14 47.62 10.88
C VAL H 92 19.96 48.88 10.67
N GLY H 93 21.27 48.73 10.69
CA GLY H 93 22.17 49.87 10.58
C GLY H 93 22.45 50.47 11.95
N ARG H 94 22.04 51.71 12.13
CA ARG H 94 22.22 52.42 13.38
C ARG H 94 20.88 52.40 14.12
N LYS H 95 19.82 52.15 13.36
CA LYS H 95 18.46 52.20 13.87
C LYS H 95 18.06 50.96 14.64
N PRO H 96 17.73 51.13 15.92
CA PRO H 96 17.19 50.04 16.76
C PRO H 96 15.79 49.67 16.30
N LYS H 97 15.63 48.46 15.75
CA LYS H 97 14.35 48.01 15.26
C LYS H 97 13.78 46.96 16.20
N VAL H 98 12.47 47.00 16.44
CA VAL H 98 11.81 46.03 17.29
C VAL H 98 10.65 45.34 16.58
N GLU H 99 10.56 44.02 16.72
CA GLU H 99 9.51 43.26 16.04
C GLU H 99 9.01 42.07 16.84
N GLN H 100 7.89 41.52 16.38
CA GLN H 100 7.30 40.32 16.98
C GLN H 100 7.38 39.18 15.97
N LEU H 101 8.19 38.17 16.27
CA LEU H 101 8.27 37.00 15.41
C LEU H 101 7.13 36.06 15.71
N SER H 102 6.19 35.94 14.76
CA SER H 102 4.99 35.13 14.96
C SER H 102 5.28 33.63 14.92
N ASN H 103 4.53 32.88 15.71
CA ASN H 103 4.66 31.42 15.75
C ASN H 103 6.07 30.94 16.06
N MET H 104 6.59 31.34 17.22
CA MET H 104 7.94 30.95 17.63
C MET H 104 7.92 30.11 18.91
N ILE H 105 6.89 30.30 19.73
CA ILE H 105 6.77 29.57 20.98
C ILE H 105 5.56 28.64 20.95
N VAL H 106 5.71 27.44 21.50
CA VAL H 106 4.59 26.51 21.61
C VAL H 106 4.08 26.43 23.04
N ARG H 107 2.78 26.65 23.21
CA ARG H 107 2.16 26.61 24.53
C ARG H 107 1.28 25.37 24.70
N SER H 108 0.89 24.73 23.60
CA SER H 108 0.03 23.56 23.67
C SER H 108 0.32 22.56 22.55
N CYS H 109 -0.02 21.30 22.79
CA CYS H 109 0.19 20.25 21.80
C CYS H 109 -1.09 19.48 21.47
N LYS H 110 -1.01 18.63 20.47
CA LYS H 110 -2.14 17.84 20.03
C LYS H 110 -1.66 16.66 19.19
N CYS H 111 -2.49 15.62 19.12
CA CYS H 111 -2.17 14.45 18.32
C CYS H 111 -2.82 14.56 16.94
N SER H 112 -2.00 14.45 15.90
CA SER H 112 -2.48 14.58 14.53
C SER H 112 -1.76 13.63 13.58
N GLY I 6 -25.17 5.30 37.52
CA GLY I 6 -25.17 5.35 36.07
C GLY I 6 -25.87 6.57 35.52
N ALA I 7 -25.51 6.96 34.30
CA ALA I 7 -26.12 8.11 33.64
C ALA I 7 -25.99 8.03 32.13
N VAL I 8 -25.57 6.86 31.64
CA VAL I 8 -25.33 6.66 30.21
C VAL I 8 -26.23 5.58 29.64
N LYS I 9 -26.80 5.83 28.47
CA LYS I 9 -27.71 4.90 27.83
C LYS I 9 -27.57 4.97 26.31
N PHE I 10 -27.21 3.84 25.69
CA PHE I 10 -27.02 3.81 24.24
C PHE I 10 -27.57 2.54 23.60
N PRO I 11 -28.20 2.69 22.42
CA PRO I 11 -28.73 1.57 21.64
C PRO I 11 -27.61 0.67 21.15
N GLN I 12 -27.86 -0.63 21.10
CA GLN I 12 -26.84 -1.59 20.68
C GLN I 12 -27.05 -2.03 19.24
N LEU I 13 -26.11 -2.81 18.74
CA LEU I 13 -26.15 -3.28 17.36
C LEU I 13 -26.82 -4.66 17.27
N CYS I 14 -27.66 -4.83 16.27
CA CYS I 14 -28.35 -6.10 16.06
C CYS I 14 -28.48 -6.41 14.58
N LYS I 15 -28.52 -7.70 14.24
CA LYS I 15 -28.85 -8.11 12.89
C LYS I 15 -30.31 -7.78 12.62
N PHE I 16 -30.60 -7.26 11.43
CA PHE I 16 -31.95 -6.77 11.14
C PHE I 16 -32.35 -7.06 9.70
N CYS I 17 -32.51 -8.34 9.37
CA CYS I 17 -32.91 -8.73 8.02
C CYS I 17 -34.37 -9.18 7.95
N ASP I 18 -35.04 -9.16 9.10
CA ASP I 18 -36.43 -9.61 9.19
C ASP I 18 -36.54 -11.11 8.93
N VAL I 19 -37.48 -11.49 8.07
CA VAL I 19 -37.71 -12.90 7.78
C VAL I 19 -37.14 -13.30 6.43
N ARG I 20 -36.08 -14.10 6.46
CA ARG I 20 -35.45 -14.58 5.24
C ARG I 20 -35.50 -16.10 5.21
N PHE I 21 -35.39 -16.68 4.01
CA PHE I 21 -35.26 -18.12 3.88
C PHE I 21 -33.95 -18.58 4.51
N SER I 22 -33.99 -19.73 5.19
CA SER I 22 -32.82 -20.24 5.89
C SER I 22 -32.44 -21.64 5.43
N THR I 23 -31.33 -22.14 5.95
CA THR I 23 -30.90 -23.51 5.68
C THR I 23 -30.55 -24.17 7.01
N CYS I 24 -30.51 -23.36 8.05
CA CYS I 24 -30.20 -23.83 9.41
C CYS I 24 -31.18 -24.90 9.86
N ASP I 25 -30.64 -26.02 10.34
CA ASP I 25 -31.46 -27.13 10.79
C ASP I 25 -30.62 -28.21 11.48
N ASN I 26 -31.23 -28.94 12.40
CA ASN I 26 -30.58 -30.04 13.10
C ASN I 26 -29.17 -29.74 13.58
N GLN I 27 -28.93 -28.50 14.00
CA GLN I 27 -27.60 -28.12 14.47
C GLN I 27 -27.58 -27.52 15.87
N LYS I 28 -26.47 -27.75 16.57
CA LYS I 28 -26.29 -27.23 17.92
C LYS I 28 -26.28 -25.71 17.91
N SER I 29 -25.91 -25.14 16.77
CA SER I 29 -25.84 -23.68 16.63
C SER I 29 -25.73 -23.30 15.15
N CYS I 30 -26.43 -22.24 14.77
CA CYS I 30 -26.39 -21.76 13.40
C CYS I 30 -25.91 -20.31 13.33
N MET I 31 -25.45 -19.91 12.16
CA MET I 31 -24.96 -18.55 11.94
C MET I 31 -25.98 -17.78 11.11
N SER I 32 -26.76 -16.94 11.77
CA SER I 32 -27.81 -16.17 11.12
C SER I 32 -27.29 -15.45 9.89
N ASN I 33 -26.01 -15.07 9.95
CA ASN I 33 -25.40 -14.22 8.93
C ASN I 33 -26.38 -13.46 8.05
N CYS I 34 -26.97 -12.42 8.63
CA CYS I 34 -27.72 -11.42 7.88
C CYS I 34 -26.76 -10.27 7.61
N SER I 35 -26.55 -9.96 6.33
CA SER I 35 -25.54 -8.96 5.95
C SER I 35 -25.88 -7.55 6.40
N ILE I 36 -26.88 -7.42 7.27
CA ILE I 36 -27.32 -6.12 7.76
C ILE I 36 -27.17 -5.97 9.28
N THR I 37 -26.34 -5.02 9.69
CA THR I 37 -26.17 -4.70 11.10
C THR I 37 -26.61 -3.27 11.33
N SER I 38 -27.55 -3.08 12.26
CA SER I 38 -28.15 -1.78 12.47
C SER I 38 -28.14 -1.33 13.92
N ILE I 39 -28.22 -0.01 14.11
CA ILE I 39 -28.41 0.55 15.43
C ILE I 39 -29.90 0.61 15.70
N CYS I 40 -30.33 0.05 16.82
CA CYS I 40 -31.74 0.05 17.19
C CYS I 40 -32.21 1.46 17.49
N GLU I 41 -33.30 1.87 16.86
CA GLU I 41 -33.82 3.23 17.05
C GLU I 41 -34.20 3.52 18.50
N LYS I 42 -34.87 2.58 19.16
CA LYS I 42 -35.15 2.72 20.58
C LYS I 42 -34.01 2.15 21.42
N PRO I 43 -33.35 3.02 22.19
CA PRO I 43 -32.17 2.68 23.01
C PRO I 43 -32.41 1.51 23.97
N GLN I 44 -33.67 1.29 24.35
CA GLN I 44 -34.00 0.22 25.28
C GLN I 44 -34.08 -1.13 24.60
N GLU I 45 -34.22 -1.12 23.27
CA GLU I 45 -34.43 -2.35 22.50
C GLU I 45 -33.29 -3.36 22.65
N VAL I 46 -33.57 -4.59 22.22
CA VAL I 46 -32.59 -5.66 22.22
C VAL I 46 -32.68 -6.44 20.91
N CYS I 47 -31.86 -7.48 20.79
CA CYS I 47 -31.86 -8.31 19.58
C CYS I 47 -32.86 -9.46 19.72
N VAL I 48 -33.35 -9.95 18.59
CA VAL I 48 -34.31 -11.05 18.58
C VAL I 48 -34.00 -12.02 17.44
N ALA I 49 -34.31 -13.30 17.65
CA ALA I 49 -34.08 -14.31 16.63
C ALA I 49 -35.19 -15.36 16.64
N VAL I 50 -35.98 -15.39 15.57
CA VAL I 50 -37.09 -16.33 15.46
C VAL I 50 -36.86 -17.38 14.37
N TRP I 51 -36.83 -18.64 14.78
CA TRP I 51 -36.63 -19.74 13.83
C TRP I 51 -37.92 -20.53 13.66
N ARG I 52 -38.56 -20.38 12.50
CA ARG I 52 -39.84 -21.05 12.24
C ARG I 52 -39.76 -22.01 11.07
N LYS I 53 -39.72 -23.30 11.36
CA LYS I 53 -39.75 -24.33 10.33
C LYS I 53 -41.16 -24.82 10.11
N ASN I 54 -41.82 -24.29 9.09
CA ASN I 54 -43.18 -24.68 8.75
C ASN I 54 -43.27 -26.18 8.46
N ASP I 55 -43.29 -26.53 7.18
CA ASP I 55 -43.25 -27.93 6.77
C ASP I 55 -41.92 -28.27 6.12
N GLU I 56 -41.72 -27.77 4.90
CA GLU I 56 -40.50 -28.03 4.17
C GLU I 56 -39.54 -26.85 4.21
N ASN I 57 -40.10 -25.64 4.30
CA ASN I 57 -39.28 -24.43 4.31
C ASN I 57 -38.96 -23.94 5.72
N ILE I 58 -37.78 -23.35 5.88
CA ILE I 58 -37.36 -22.81 7.15
C ILE I 58 -37.06 -21.31 7.02
N THR I 59 -37.47 -20.52 8.02
CA THR I 59 -37.24 -19.08 7.99
C THR I 59 -36.63 -18.58 9.30
N LEU I 60 -35.60 -17.76 9.18
CA LEU I 60 -34.97 -17.15 10.36
C LEU I 60 -35.28 -15.66 10.39
N GLU I 61 -35.68 -15.18 11.56
CA GLU I 61 -36.04 -13.77 11.70
C GLU I 61 -35.15 -13.06 12.72
N THR I 62 -34.50 -11.98 12.26
CA THR I 62 -33.62 -11.20 13.12
C THR I 62 -34.00 -9.73 13.07
N VAL I 63 -34.39 -9.19 14.22
CA VAL I 63 -34.79 -7.80 14.32
C VAL I 63 -34.49 -7.22 15.70
N CYS I 64 -34.58 -5.89 15.79
CA CYS I 64 -34.52 -5.20 17.07
C CYS I 64 -35.92 -5.14 17.65
N HIS I 65 -36.04 -5.15 18.98
CA HIS I 65 -37.34 -5.12 19.62
C HIS I 65 -37.26 -4.73 21.10
N ASP I 66 -38.27 -3.99 21.56
CA ASP I 66 -38.35 -3.56 22.95
C ASP I 66 -38.80 -4.71 23.85
N PRO I 67 -37.96 -5.10 24.81
CA PRO I 67 -38.20 -6.24 25.72
C PRO I 67 -39.55 -6.15 26.45
N LYS I 68 -40.03 -4.93 26.67
CA LYS I 68 -41.26 -4.70 27.41
C LYS I 68 -42.50 -5.16 26.63
N LEU I 69 -42.28 -5.62 25.40
CA LEU I 69 -43.38 -6.08 24.55
C LEU I 69 -43.28 -7.56 24.25
N PRO I 70 -44.40 -8.17 23.83
CA PRO I 70 -44.45 -9.57 23.41
C PRO I 70 -44.30 -9.72 21.90
N TYR I 71 -43.36 -10.55 21.47
CA TYR I 71 -43.16 -10.78 20.05
C TYR I 71 -43.73 -12.13 19.64
N HIS I 72 -44.75 -12.09 18.79
CA HIS I 72 -45.51 -13.29 18.41
C HIS I 72 -46.21 -13.91 19.62
N ASP I 73 -46.62 -13.06 20.57
CA ASP I 73 -47.29 -13.50 21.79
C ASP I 73 -46.35 -14.23 22.73
N PHE I 74 -45.22 -13.60 23.04
CA PHE I 74 -44.24 -14.19 23.95
C PHE I 74 -43.48 -13.09 24.69
N ILE I 75 -43.39 -13.21 26.00
CA ILE I 75 -42.65 -12.25 26.82
C ILE I 75 -41.16 -12.52 26.71
N LEU I 76 -40.39 -11.47 26.43
CA LEU I 76 -38.95 -11.58 26.32
C LEU I 76 -38.30 -11.67 27.70
N GLU I 77 -38.29 -12.88 28.27
CA GLU I 77 -37.73 -13.10 29.59
C GLU I 77 -36.21 -13.22 29.54
N ASP I 78 -35.69 -13.75 28.45
CA ASP I 78 -34.26 -13.96 28.30
C ASP I 78 -33.60 -12.76 27.61
N ALA I 79 -34.33 -11.65 27.53
CA ALA I 79 -33.84 -10.46 26.84
C ALA I 79 -32.80 -9.70 27.64
N ALA I 80 -32.16 -10.39 28.59
CA ALA I 80 -31.12 -9.78 29.42
C ALA I 80 -29.82 -10.57 29.29
N SER I 81 -29.85 -11.62 28.49
CA SER I 81 -28.67 -12.46 28.28
C SER I 81 -27.72 -11.86 27.26
N PRO I 82 -26.40 -12.06 27.44
CA PRO I 82 -25.39 -11.59 26.51
C PRO I 82 -25.31 -12.47 25.26
N LYS I 83 -25.82 -13.70 25.36
CA LYS I 83 -25.84 -14.62 24.24
C LYS I 83 -27.28 -14.96 23.86
N CYS I 84 -27.45 -15.55 22.67
CA CYS I 84 -28.78 -15.84 22.16
C CYS I 84 -29.07 -17.34 22.16
N ILE I 85 -29.61 -17.83 23.26
CA ILE I 85 -29.96 -19.25 23.38
C ILE I 85 -31.44 -19.47 23.06
N MET I 86 -31.70 -20.23 21.99
CA MET I 86 -33.06 -20.47 21.53
C MET I 86 -33.89 -21.24 22.55
N LYS I 87 -34.80 -20.54 23.22
CA LYS I 87 -35.73 -21.18 24.14
C LYS I 87 -37.03 -21.50 23.40
N GLU I 88 -37.10 -22.72 22.87
CA GLU I 88 -38.21 -23.16 22.03
C GLU I 88 -39.57 -23.02 22.71
N LYS I 89 -40.55 -22.53 21.95
CA LYS I 89 -41.92 -22.39 22.44
C LYS I 89 -42.82 -23.39 21.73
N LYS I 90 -44.10 -23.39 22.09
CA LYS I 90 -45.07 -24.29 21.47
C LYS I 90 -46.09 -23.54 20.62
N LYS I 91 -46.04 -23.77 19.31
CA LYS I 91 -46.94 -23.12 18.38
C LYS I 91 -47.44 -24.10 17.32
N PRO I 92 -48.73 -24.02 16.98
CA PRO I 92 -49.42 -24.94 16.07
C PRO I 92 -48.73 -25.16 14.73
N GLY I 93 -48.84 -26.38 14.21
CA GLY I 93 -48.41 -26.72 12.86
C GLY I 93 -46.99 -26.36 12.48
N GLU I 94 -46.12 -26.17 13.47
CA GLU I 94 -44.74 -25.80 13.20
C GLU I 94 -43.89 -25.74 14.46
N THR I 95 -42.61 -26.12 14.33
CA THR I 95 -41.66 -25.91 15.41
C THR I 95 -41.32 -24.43 15.49
N PHE I 96 -40.97 -23.96 16.68
CA PHE I 96 -40.77 -22.53 16.91
C PHE I 96 -39.80 -22.26 18.05
N PHE I 97 -38.60 -21.81 17.71
CA PHE I 97 -37.62 -21.41 18.71
C PHE I 97 -37.47 -19.90 18.68
N MET I 98 -37.24 -19.29 19.85
CA MET I 98 -37.07 -17.84 19.91
C MET I 98 -36.14 -17.42 21.04
N CYS I 99 -35.08 -16.69 20.67
CA CYS I 99 -34.14 -16.16 21.64
C CYS I 99 -34.01 -14.66 21.49
N SER I 100 -33.51 -14.00 22.53
CA SER I 100 -33.26 -12.57 22.49
C SER I 100 -32.13 -12.22 23.45
N CYS I 101 -31.25 -11.33 23.01
CA CYS I 101 -30.06 -11.01 23.80
C CYS I 101 -29.75 -9.52 23.84
N SER I 102 -28.77 -9.16 24.65
CA SER I 102 -28.31 -7.77 24.77
C SER I 102 -26.80 -7.69 24.62
N SER I 103 -26.34 -7.74 23.37
CA SER I 103 -24.93 -7.70 23.06
C SER I 103 -24.72 -7.50 21.56
N ASP I 104 -23.99 -6.44 21.19
CA ASP I 104 -23.77 -6.10 19.80
C ASP I 104 -23.66 -7.32 18.88
N GLU I 105 -24.65 -7.50 18.01
CA GLU I 105 -24.69 -8.61 17.05
C GLU I 105 -24.77 -9.98 17.72
N CYS I 106 -25.53 -10.07 18.80
CA CYS I 106 -25.67 -11.33 19.53
C CYS I 106 -26.64 -12.27 18.85
N ASN I 107 -27.50 -11.71 17.99
CA ASN I 107 -28.46 -12.52 17.26
C ASN I 107 -27.90 -13.01 15.92
N ASP I 108 -26.61 -12.80 15.71
CA ASP I 108 -25.94 -13.29 14.52
C ASP I 108 -25.53 -14.75 14.74
N ASN I 109 -25.35 -15.11 16.01
CA ASN I 109 -24.99 -16.47 16.36
C ASN I 109 -26.00 -17.09 17.32
N ILE I 110 -26.98 -17.79 16.76
CA ILE I 110 -28.02 -18.41 17.57
C ILE I 110 -27.59 -19.76 18.12
N ILE I 111 -28.09 -20.09 19.31
CA ILE I 111 -27.66 -21.30 20.02
C ILE I 111 -28.84 -22.23 20.33
N PHE I 112 -28.56 -23.54 20.34
CA PHE I 112 -29.58 -24.54 20.62
C PHE I 112 -29.12 -25.52 21.70
N SER I 113 -27.81 -25.68 21.85
CA SER I 113 -27.26 -26.72 22.71
C SER I 113 -25.99 -26.29 23.46
N GLU I 114 -25.30 -27.28 24.02
CA GLU I 114 -24.05 -27.06 24.76
C GLU I 114 -23.35 -28.41 25.03
N ALA J 7 19.48 36.61 -9.63
CA ALA J 7 19.93 36.53 -8.24
C ALA J 7 19.54 37.78 -7.45
N VAL J 8 19.82 37.75 -6.15
CA VAL J 8 19.52 38.88 -5.28
C VAL J 8 20.64 39.13 -4.27
N LYS J 9 20.92 40.40 -3.99
CA LYS J 9 21.97 40.77 -3.06
C LYS J 9 21.41 41.25 -1.72
N PHE J 10 21.87 40.64 -0.63
CA PHE J 10 21.45 41.06 0.70
C PHE J 10 22.63 41.61 1.50
N PRO J 11 22.35 42.60 2.38
CA PRO J 11 23.36 43.23 3.23
C PRO J 11 24.02 42.23 4.17
N GLN J 12 25.14 42.61 4.75
CA GLN J 12 25.87 41.73 5.65
C GLN J 12 25.92 42.31 7.06
N LEU J 13 26.15 41.45 8.04
CA LEU J 13 26.20 41.90 9.42
C LEU J 13 27.50 42.64 9.72
N CYS J 14 27.38 43.71 10.50
CA CYS J 14 28.55 44.46 10.95
C CYS J 14 28.33 44.99 12.36
N LYS J 15 29.41 45.09 13.13
CA LYS J 15 29.36 45.82 14.39
C LYS J 15 29.05 47.26 14.06
N PHE J 16 28.16 47.89 14.84
CA PHE J 16 27.77 49.27 14.57
C PHE J 16 27.59 50.08 15.86
N CYS J 17 28.71 50.32 16.54
CA CYS J 17 28.68 51.08 17.79
C CYS J 17 29.30 52.46 17.61
N ASP J 18 29.84 52.71 16.41
CA ASP J 18 30.44 53.99 16.08
C ASP J 18 31.65 54.29 16.97
N VAL J 19 32.01 55.56 17.06
CA VAL J 19 33.16 55.97 17.87
C VAL J 19 32.85 55.80 19.35
N ARG J 20 33.55 54.87 19.98
CA ARG J 20 33.39 54.62 21.42
C ARG J 20 34.75 54.63 22.10
N PHE J 21 34.75 54.68 23.43
CA PHE J 21 35.99 54.64 24.19
C PHE J 21 36.57 53.23 24.10
N SER J 22 37.88 53.12 24.31
CA SER J 22 38.56 51.83 24.16
C SER J 22 39.87 51.76 24.95
N THR J 23 40.33 50.54 25.18
CA THR J 23 41.59 50.33 25.88
C THR J 23 42.38 49.15 25.27
N CYS J 24 42.06 48.81 24.02
CA CYS J 24 42.86 47.83 23.28
C CYS J 24 44.17 48.49 22.86
N ASP J 25 45.22 48.25 23.64
CA ASP J 25 46.48 48.96 23.44
C ASP J 25 47.68 48.01 23.31
N ASN J 26 48.59 48.37 22.40
CA ASN J 26 49.79 47.56 22.14
C ASN J 26 49.54 46.07 22.33
N GLN J 27 48.40 45.62 21.82
CA GLN J 27 48.05 44.21 21.81
C GLN J 27 47.94 43.71 20.37
N LYS J 28 48.33 42.47 20.16
CA LYS J 28 48.18 41.84 18.85
C LYS J 28 46.77 42.09 18.32
N SER J 29 45.79 41.52 19.02
CA SER J 29 44.39 41.68 18.67
C SER J 29 43.56 42.08 19.87
N CYS J 30 42.37 42.62 19.59
CA CYS J 30 41.40 42.96 20.62
C CYS J 30 39.99 42.73 20.10
N MET J 31 39.02 42.91 20.98
CA MET J 31 37.62 42.71 20.61
C MET J 31 36.85 44.02 20.72
N SER J 32 36.15 44.40 19.66
CA SER J 32 35.31 45.59 19.67
C SER J 32 34.29 45.48 20.80
N ASN J 33 34.02 44.22 21.18
CA ASN J 33 33.09 43.88 22.25
C ASN J 33 31.97 44.91 22.50
N CYS J 34 31.34 45.36 21.42
CA CYS J 34 30.18 46.23 21.53
C CYS J 34 28.91 45.44 21.18
N SER J 35 27.95 45.46 22.08
CA SER J 35 26.76 44.62 21.97
C SER J 35 26.02 44.72 20.63
N ILE J 36 26.09 45.89 19.99
CA ILE J 36 25.30 46.13 18.78
C ILE J 36 25.88 45.53 17.51
N THR J 37 25.23 44.48 17.01
CA THR J 37 25.54 43.90 15.71
C THR J 37 24.37 44.17 14.77
N SER J 38 24.62 44.88 13.69
CA SER J 38 23.54 45.36 12.85
C SER J 38 23.61 44.87 11.41
N ILE J 39 22.46 44.86 10.75
CA ILE J 39 22.35 44.58 9.33
C ILE J 39 22.49 45.88 8.55
N CYS J 40 23.59 46.02 7.83
CA CYS J 40 23.84 47.25 7.06
C CYS J 40 22.64 47.61 6.20
N GLU J 41 22.30 48.89 6.17
CA GLU J 41 21.16 49.38 5.42
C GLU J 41 21.32 49.14 3.92
N LYS J 42 22.50 49.47 3.40
CA LYS J 42 22.78 49.31 1.97
C LYS J 42 23.55 48.02 1.71
N PRO J 43 23.12 47.25 0.71
CA PRO J 43 23.77 45.99 0.32
C PRO J 43 25.25 46.19 -0.01
N GLN J 44 25.55 47.26 -0.72
CA GLN J 44 26.91 47.53 -1.16
C GLN J 44 27.85 47.81 0.01
N GLU J 45 27.28 48.18 1.15
CA GLU J 45 28.06 48.55 2.32
C GLU J 45 28.83 47.35 2.89
N VAL J 46 30.01 47.64 3.45
CA VAL J 46 30.84 46.62 4.08
C VAL J 46 31.12 47.00 5.52
N CYS J 47 31.91 46.17 6.21
CA CYS J 47 32.30 46.48 7.58
C CYS J 47 33.54 47.36 7.61
N VAL J 48 33.62 48.22 8.63
CA VAL J 48 34.79 49.08 8.82
C VAL J 48 35.06 49.24 10.30
N ALA J 49 36.33 49.34 10.66
CA ALA J 49 36.72 49.51 12.06
C ALA J 49 37.95 50.41 12.19
N VAL J 50 37.80 51.53 12.90
CA VAL J 50 38.89 52.48 13.09
C VAL J 50 39.44 52.42 14.51
N TRP J 51 40.76 52.58 14.63
CA TRP J 51 41.42 52.61 15.94
C TRP J 51 42.27 53.88 16.05
N ARG J 52 42.05 54.65 17.11
CA ARG J 52 42.75 55.92 17.28
C ARG J 52 43.17 56.18 18.72
N LYS J 53 44.35 56.77 18.89
CA LYS J 53 44.87 57.13 20.20
C LYS J 53 45.68 58.41 20.10
N ASN J 54 45.00 59.55 20.18
CA ASN J 54 45.65 60.85 20.02
C ASN J 54 46.77 61.10 21.04
N ASP J 55 46.39 61.35 22.30
CA ASP J 55 47.38 61.68 23.32
C ASP J 55 47.05 61.07 24.69
N GLU J 56 45.89 61.42 25.23
CA GLU J 56 45.53 61.03 26.59
C GLU J 56 44.28 60.16 26.67
N ASN J 57 44.05 59.34 25.64
CA ASN J 57 42.91 58.42 25.62
C ASN J 57 42.92 57.54 24.38
N ILE J 58 41.92 56.66 24.27
CA ILE J 58 41.81 55.76 23.13
C ILE J 58 40.37 55.63 22.64
N THR J 59 40.17 55.77 21.33
CA THR J 59 38.85 55.64 20.73
C THR J 59 38.76 54.33 19.94
N LEU J 60 37.56 54.02 19.45
CA LEU J 60 37.33 52.81 18.68
C LEU J 60 36.00 52.84 17.93
N GLU J 61 36.06 53.16 16.64
CA GLU J 61 34.87 53.28 15.81
C GLU J 61 34.55 51.97 15.10
N THR J 62 33.27 51.64 15.00
CA THR J 62 32.81 50.44 14.33
C THR J 62 31.50 50.71 13.57
N VAL J 63 31.55 50.65 12.25
CA VAL J 63 30.39 50.98 11.43
C VAL J 63 30.35 50.20 10.12
N CYS J 64 29.29 50.43 9.35
CA CYS J 64 29.20 49.97 7.97
C CYS J 64 29.64 51.11 7.07
N HIS J 65 29.89 50.82 5.81
CA HIS J 65 30.32 51.84 4.87
C HIS J 65 30.51 51.32 3.45
N ASP J 66 29.99 52.08 2.47
CA ASP J 66 30.17 51.75 1.07
C ASP J 66 31.61 52.00 0.64
N PRO J 67 32.32 50.94 0.23
CA PRO J 67 33.73 50.98 -0.14
C PRO J 67 34.05 52.05 -1.19
N LYS J 68 33.07 52.43 -2.00
CA LYS J 68 33.26 53.46 -3.02
C LYS J 68 33.78 54.77 -2.43
N LEU J 69 33.12 55.25 -1.37
CA LEU J 69 33.51 56.48 -0.69
C LEU J 69 34.86 56.34 0.01
N PRO J 70 35.51 57.49 0.28
CA PRO J 70 36.85 57.51 0.86
C PRO J 70 36.75 57.68 2.36
N TYR J 71 36.12 56.71 3.03
CA TYR J 71 35.90 56.80 4.47
C TYR J 71 37.15 57.29 5.18
N HIS J 72 37.07 58.49 5.76
CA HIS J 72 38.20 59.09 6.45
C HIS J 72 39.43 59.26 5.55
N ASP J 73 39.28 60.06 4.51
CA ASP J 73 40.36 60.33 3.56
C ASP J 73 41.22 59.09 3.31
N PHE J 74 40.57 57.96 3.11
CA PHE J 74 41.26 56.71 2.84
C PHE J 74 40.34 55.72 2.14
N ILE J 75 40.47 55.60 0.82
CA ILE J 75 39.67 54.64 0.07
C ILE J 75 39.91 53.23 0.59
N LEU J 76 38.82 52.56 0.99
CA LEU J 76 38.91 51.20 1.51
C LEU J 76 39.66 50.28 0.56
N GLU J 77 40.91 49.97 0.90
CA GLU J 77 41.77 49.14 0.07
C GLU J 77 41.31 47.69 0.09
N ASP J 78 41.28 47.11 1.29
CA ASP J 78 40.88 45.71 1.45
C ASP J 78 39.40 45.58 1.82
N ALA J 79 38.54 46.26 1.06
CA ALA J 79 37.11 46.21 1.32
C ALA J 79 36.54 44.83 1.01
N ALA J 80 37.26 44.06 0.22
CA ALA J 80 36.83 42.72 -0.16
C ALA J 80 37.59 41.64 0.63
N SER J 81 38.47 42.10 1.52
CA SER J 81 39.27 41.18 2.34
C SER J 81 38.39 40.41 3.33
N PRO J 82 38.76 39.17 3.61
CA PRO J 82 38.05 38.32 4.58
C PRO J 82 38.15 38.84 6.01
N LYS J 83 39.37 39.14 6.46
CA LYS J 83 39.58 39.59 7.83
C LYS J 83 39.73 41.10 7.90
N CYS J 84 39.80 41.62 9.13
CA CYS J 84 40.02 43.04 9.36
C CYS J 84 41.51 43.29 9.61
N ILE J 85 42.29 43.25 8.54
CA ILE J 85 43.72 43.47 8.63
C ILE J 85 44.05 44.90 9.07
N MET J 86 44.44 45.05 10.32
CA MET J 86 44.74 46.36 10.89
C MET J 86 45.93 47.01 10.23
N LYS J 87 45.69 47.74 9.14
CA LYS J 87 46.73 48.50 8.47
C LYS J 87 46.88 49.86 9.14
N GLU J 88 48.01 50.50 8.94
CA GLU J 88 48.27 51.80 9.57
C GLU J 88 48.19 52.95 8.58
N LYS J 89 47.91 54.14 9.08
CA LYS J 89 47.86 55.35 8.28
C LYS J 89 48.38 56.53 9.08
N LYS J 90 49.27 57.32 8.49
CA LYS J 90 49.91 58.42 9.20
C LYS J 90 49.05 59.67 9.24
N LYS J 91 48.84 60.19 10.44
CA LYS J 91 48.10 61.44 10.63
C LYS J 91 48.76 62.30 11.70
N PRO J 92 48.79 63.63 11.47
CA PRO J 92 49.43 64.61 12.34
C PRO J 92 48.91 64.60 13.77
N GLY J 93 49.80 64.35 14.74
CA GLY J 93 49.46 64.42 16.14
C GLY J 93 48.54 63.32 16.63
N GLU J 94 48.55 62.18 15.93
CA GLU J 94 47.70 61.06 16.32
C GLU J 94 48.08 59.77 15.60
N THR J 95 47.89 58.65 16.28
CA THR J 95 48.04 57.34 15.65
C THR J 95 46.75 57.02 14.90
N PHE J 96 46.85 56.34 13.77
CA PHE J 96 45.68 56.04 12.96
C PHE J 96 45.73 54.64 12.34
N PHE J 97 45.01 53.71 12.94
CA PHE J 97 44.89 52.36 12.42
C PHE J 97 43.50 52.14 11.84
N MET J 98 43.43 51.69 10.60
CA MET J 98 42.14 51.43 9.96
C MET J 98 42.12 50.08 9.24
N CYS J 99 40.93 49.50 9.12
CA CYS J 99 40.78 48.20 8.49
C CYS J 99 39.37 48.02 7.93
N SER J 100 39.22 47.04 7.03
CA SER J 100 37.93 46.75 6.43
C SER J 100 37.83 45.28 6.04
N CYS J 101 36.63 44.85 5.64
CA CYS J 101 36.39 43.47 5.25
C CYS J 101 35.02 43.29 4.60
N SER J 102 34.75 42.07 4.15
CA SER J 102 33.51 41.80 3.43
C SER J 102 32.73 40.60 3.99
N SER J 103 33.22 40.02 5.08
CA SER J 103 32.52 38.94 5.76
C SER J 103 31.66 39.50 6.88
N ASP J 104 30.87 38.64 7.53
CA ASP J 104 29.97 39.11 8.58
C ASP J 104 30.66 39.25 9.93
N GLU J 105 30.36 40.34 10.64
CA GLU J 105 30.96 40.63 11.93
C GLU J 105 32.48 40.63 11.88
N CYS J 106 33.05 40.94 10.72
CA CYS J 106 34.49 40.91 10.54
C CYS J 106 35.18 42.02 11.33
N ASN J 107 34.51 43.16 11.46
CA ASN J 107 35.10 44.31 12.14
C ASN J 107 35.02 44.21 13.67
N ASP J 108 34.64 43.04 14.16
CA ASP J 108 34.58 42.80 15.61
C ASP J 108 35.93 42.36 16.15
N ASN J 109 36.75 41.78 15.28
CA ASN J 109 38.07 41.31 15.67
C ASN J 109 39.17 41.94 14.83
N ILE J 110 39.91 42.86 15.44
CA ILE J 110 41.00 43.54 14.76
C ILE J 110 42.27 42.73 14.82
N ILE J 111 43.06 42.76 13.73
CA ILE J 111 44.32 42.02 13.66
C ILE J 111 45.50 42.91 13.28
N PHE J 112 46.10 43.57 14.27
CA PHE J 112 47.23 44.47 14.02
C PHE J 112 48.38 43.74 13.32
N ALA K 3 -24.05 24.73 26.69
CA ALA K 3 -25.18 24.67 27.61
C ALA K 3 -24.87 23.77 28.80
N LEU K 4 -24.31 22.60 28.52
CA LEU K 4 -23.99 21.61 29.55
C LEU K 4 -22.81 22.07 30.40
N GLN K 5 -22.15 21.10 31.05
CA GLN K 5 -21.01 21.39 31.91
C GLN K 5 -20.42 20.08 32.43
N CYS K 6 -19.27 19.71 31.89
CA CYS K 6 -18.65 18.42 32.21
C CYS K 6 -17.37 18.56 33.03
N PHE K 7 -16.83 17.42 33.45
CA PHE K 7 -15.59 17.38 34.22
C PHE K 7 -14.41 17.10 33.30
N CYS K 8 -13.45 18.02 33.27
CA CYS K 8 -12.28 17.88 32.42
C CYS K 8 -11.04 17.50 33.23
N HIS K 9 -10.11 16.81 32.60
CA HIS K 9 -8.90 16.35 33.29
C HIS K 9 -7.69 17.23 32.99
N LEU K 10 -7.52 17.58 31.72
CA LEU K 10 -6.36 18.36 31.28
C LEU K 10 -6.58 19.86 31.44
N CYS K 11 -7.77 20.25 31.86
CA CYS K 11 -8.11 21.66 32.03
C CYS K 11 -7.50 22.22 33.32
N THR K 12 -6.19 22.10 33.45
CA THR K 12 -5.46 22.52 34.65
C THR K 12 -5.97 23.85 35.21
N LYS K 13 -5.52 24.95 34.62
CA LYS K 13 -5.92 26.29 35.08
C LYS K 13 -7.33 26.66 34.64
N ASP K 14 -8.26 25.69 34.74
CA ASP K 14 -9.65 25.93 34.38
C ASP K 14 -10.58 25.18 35.33
N ASN K 15 -10.14 25.00 36.57
CA ASN K 15 -10.87 24.21 37.55
C ASN K 15 -11.36 22.88 37.01
N PHE K 16 -10.46 22.16 36.35
CA PHE K 16 -10.75 20.83 35.82
C PHE K 16 -12.20 20.66 35.37
N THR K 17 -12.65 21.55 34.50
CA THR K 17 -14.00 21.48 33.96
C THR K 17 -14.06 22.00 32.52
N CYS K 18 -15.26 21.96 31.94
CA CYS K 18 -15.49 22.43 30.58
C CYS K 18 -16.98 22.39 30.26
N VAL K 19 -17.40 23.24 29.33
CA VAL K 19 -18.81 23.30 28.95
C VAL K 19 -19.00 22.92 27.48
N THR K 20 -19.76 21.85 27.25
CA THR K 20 -20.05 21.39 25.90
C THR K 20 -21.55 21.31 25.66
N ASP K 21 -21.91 20.53 24.65
CA ASP K 21 -23.32 20.30 24.31
C ASP K 21 -23.50 18.84 23.94
N GLY K 22 -22.45 18.06 24.14
CA GLY K 22 -22.49 16.63 23.90
C GLY K 22 -22.62 15.85 25.19
N LEU K 23 -21.51 15.30 25.66
CA LEU K 23 -21.49 14.47 26.86
C LEU K 23 -20.14 14.55 27.55
N CYS K 24 -20.04 13.91 28.72
CA CYS K 24 -18.79 13.84 29.45
C CYS K 24 -18.18 12.45 29.32
N PHE K 25 -16.94 12.39 28.86
CA PHE K 25 -16.27 11.11 28.62
C PHE K 25 -15.46 10.65 29.83
N VAL K 26 -15.42 9.33 30.03
CA VAL K 26 -14.63 8.72 31.10
C VAL K 26 -14.24 7.30 30.75
N SER K 27 -12.98 6.96 31.03
CA SER K 27 -12.48 5.61 30.79
C SER K 27 -11.81 5.08 32.04
N VAL K 28 -11.26 3.87 31.95
CA VAL K 28 -10.48 3.29 33.05
C VAL K 28 -9.42 2.35 32.49
N THR K 29 -8.64 1.74 33.38
CA THR K 29 -7.60 0.81 32.97
C THR K 29 -8.20 -0.54 32.56
N ASP K 33 1.31 -3.10 38.97
CA ASP K 33 0.47 -2.76 37.81
C ASP K 33 -0.44 -1.57 38.10
N LYS K 34 0.14 -0.37 38.00
CA LYS K 34 -0.59 0.86 38.31
C LYS K 34 -1.90 1.00 37.54
N VAL K 35 -2.69 2.00 37.91
CA VAL K 35 -3.98 2.25 37.26
C VAL K 35 -4.26 3.74 37.07
N ILE K 36 -4.85 4.07 35.93
CA ILE K 36 -5.20 5.45 35.61
C ILE K 36 -6.47 5.50 34.77
N HIS K 37 -6.97 6.71 34.54
CA HIS K 37 -8.12 6.92 33.67
C HIS K 37 -8.26 8.38 33.27
N ASN K 38 -9.08 8.65 32.26
CA ASN K 38 -9.16 9.98 31.68
C ASN K 38 -10.59 10.48 31.45
N SER K 39 -10.80 11.77 31.68
CA SER K 39 -12.09 12.42 31.50
C SER K 39 -11.95 13.59 30.54
N MET K 40 -13.02 13.94 29.85
CA MET K 40 -12.95 15.05 28.89
C MET K 40 -14.32 15.45 28.33
N CYS K 41 -14.33 16.55 27.59
CA CYS K 41 -15.55 17.02 26.94
C CYS K 41 -15.62 16.51 25.50
N ILE K 42 -16.83 16.42 24.97
CA ILE K 42 -17.04 15.99 23.59
C ILE K 42 -18.14 16.80 22.94
N ALA K 43 -17.75 17.68 22.00
CA ALA K 43 -18.71 18.48 21.26
C ALA K 43 -19.76 17.58 20.62
N GLU K 44 -20.95 18.13 20.42
CA GLU K 44 -22.04 17.34 19.83
C GLU K 44 -21.76 17.05 18.36
N ILE K 45 -20.91 17.88 17.75
CA ILE K 45 -20.52 17.68 16.35
C ILE K 45 -19.54 16.52 16.23
N ASP K 46 -18.90 16.15 17.34
CA ASP K 46 -17.98 15.02 17.37
C ASP K 46 -18.71 13.69 17.60
N LEU K 47 -19.92 13.77 18.15
CA LEU K 47 -20.75 12.58 18.37
C LEU K 47 -21.12 11.95 17.03
N ILE K 48 -20.33 10.96 16.61
CA ILE K 48 -20.52 10.33 15.31
C ILE K 48 -20.58 8.82 15.42
N PRO K 49 -21.69 8.22 14.95
CA PRO K 49 -22.85 8.92 14.42
C PRO K 49 -23.94 9.08 15.48
N ARG K 50 -24.48 10.29 15.61
CA ARG K 50 -25.48 10.63 16.62
C ARG K 50 -26.12 9.44 17.34
N ASP K 51 -26.89 8.66 16.61
CA ASP K 51 -27.65 7.54 17.20
C ASP K 51 -26.79 6.66 18.12
N ARG K 52 -25.52 6.48 17.76
CA ARG K 52 -24.59 5.73 18.60
C ARG K 52 -23.14 6.08 18.25
N PRO K 53 -22.65 7.19 18.81
CA PRO K 53 -21.28 7.64 18.59
C PRO K 53 -20.26 6.58 18.98
N PHE K 54 -19.32 6.28 18.08
CA PHE K 54 -18.33 5.23 18.32
C PHE K 54 -17.45 5.54 19.52
N VAL K 55 -17.30 6.81 19.85
CA VAL K 55 -16.44 7.22 20.96
C VAL K 55 -17.01 6.78 22.31
N CYS K 56 -18.32 6.62 22.37
CA CYS K 56 -19.00 6.29 23.62
C CYS K 56 -19.41 4.81 23.71
N ALA K 57 -19.24 4.08 22.62
CA ALA K 57 -19.62 2.67 22.57
C ALA K 57 -18.64 1.87 21.72
N THR K 66 -10.75 -2.06 30.80
CA THR K 66 -10.97 -0.71 30.30
C THR K 66 -12.43 -0.47 29.95
N THR K 67 -13.05 0.49 30.64
CA THR K 67 -14.45 0.81 30.46
C THR K 67 -14.62 2.17 29.81
N THR K 68 -15.87 2.57 29.58
CA THR K 68 -16.16 3.84 28.92
C THR K 68 -17.60 4.29 29.19
N TYR K 69 -17.74 5.50 29.73
CA TYR K 69 -19.06 6.06 30.02
C TYR K 69 -19.22 7.44 29.40
N CYS K 70 -20.44 7.74 28.95
CA CYS K 70 -20.74 9.05 28.40
C CYS K 70 -22.00 9.64 29.06
N CYS K 71 -21.83 10.17 30.27
CA CYS K 71 -22.96 10.70 31.03
C CYS K 71 -23.52 12.00 30.45
N ASN K 72 -24.82 12.23 30.68
CA ASN K 72 -25.50 13.42 30.18
C ASN K 72 -26.00 14.32 31.31
N GLN K 73 -25.08 14.85 32.10
CA GLN K 73 -25.43 15.73 33.22
C GLN K 73 -24.31 16.72 33.50
N ASP K 74 -24.15 17.07 34.76
CA ASP K 74 -23.07 17.97 35.16
C ASP K 74 -22.10 17.28 36.11
N HIS K 75 -20.81 17.36 35.79
CA HIS K 75 -19.76 16.79 36.63
C HIS K 75 -20.10 15.37 37.08
N CYS K 76 -20.46 14.53 36.11
CA CYS K 76 -20.81 13.14 36.40
C CYS K 76 -19.72 12.18 35.96
N ASN K 77 -18.51 12.38 36.48
CA ASN K 77 -17.38 11.51 36.17
C ASN K 77 -16.96 10.69 37.38
N LYS K 78 -17.16 9.37 37.29
CA LYS K 78 -16.85 8.46 38.38
C LYS K 78 -15.35 8.36 38.64
N ILE K 79 -14.96 7.32 39.38
CA ILE K 79 -13.57 7.08 39.70
C ILE K 79 -13.29 5.58 39.83
N ALA L 3 3.70 40.87 -8.26
CA ALA L 3 3.19 40.06 -9.35
C ALA L 3 4.16 38.94 -9.71
N LEU L 4 5.20 38.78 -8.89
CA LEU L 4 6.22 37.76 -9.11
C LEU L 4 5.61 36.37 -9.28
N GLN L 5 6.27 35.53 -10.06
CA GLN L 5 5.78 34.19 -10.37
C GLN L 5 6.95 33.24 -10.53
N CYS L 6 7.21 32.45 -9.49
CA CYS L 6 8.39 31.59 -9.45
C CYS L 6 8.08 30.16 -9.89
N PHE L 7 9.13 29.35 -9.99
CA PHE L 7 8.99 27.94 -10.31
C PHE L 7 8.80 27.16 -9.01
N CYS L 8 7.93 26.16 -9.04
CA CYS L 8 7.60 25.38 -7.85
C CYS L 8 7.48 23.90 -8.18
N HIS L 9 8.02 23.07 -7.28
CA HIS L 9 7.99 21.62 -7.48
C HIS L 9 6.67 20.98 -7.08
N LEU L 10 6.32 21.14 -5.80
CA LEU L 10 5.12 20.50 -5.26
C LEU L 10 3.84 21.01 -5.94
N CYS L 11 3.96 22.06 -6.74
CA CYS L 11 2.81 22.65 -7.41
C CYS L 11 2.44 21.85 -8.65
N THR L 12 2.08 20.58 -8.45
CA THR L 12 1.74 19.69 -9.54
C THR L 12 0.70 20.27 -10.51
N LYS L 13 -0.57 20.08 -10.17
CA LYS L 13 -1.66 20.57 -11.01
C LYS L 13 -1.79 22.10 -10.97
N ASP L 14 -0.65 22.77 -10.83
CA ASP L 14 -0.62 24.22 -10.77
C ASP L 14 0.48 24.77 -11.68
N ASN L 15 0.58 24.19 -12.87
CA ASN L 15 1.55 24.63 -13.87
C ASN L 15 2.99 24.37 -13.44
N PHE L 16 3.16 23.83 -12.24
CA PHE L 16 4.47 23.70 -11.61
C PHE L 16 5.05 25.07 -11.29
N THR L 17 4.19 26.08 -11.22
CA THR L 17 4.63 27.42 -10.86
C THR L 17 3.71 28.01 -9.80
N CYS L 18 4.17 29.08 -9.16
CA CYS L 18 3.36 29.78 -8.16
C CYS L 18 3.65 31.27 -8.18
N VAL L 19 2.63 32.07 -7.86
CA VAL L 19 2.79 33.53 -7.83
C VAL L 19 2.92 34.03 -6.40
N THR L 20 4.06 34.63 -6.08
CA THR L 20 4.29 35.14 -4.74
C THR L 20 4.42 36.66 -4.73
N ASP L 21 4.34 37.23 -3.53
CA ASP L 21 4.51 38.67 -3.37
C ASP L 21 5.88 38.96 -2.77
N GLY L 22 6.62 37.91 -2.47
CA GLY L 22 7.93 38.04 -1.87
C GLY L 22 9.07 37.76 -2.85
N LEU L 23 9.59 36.54 -2.81
CA LEU L 23 10.72 36.17 -3.65
C LEU L 23 10.64 34.71 -4.08
N CYS L 24 11.55 34.32 -4.97
CA CYS L 24 11.66 32.94 -5.40
C CYS L 24 12.80 32.27 -4.64
N PHE L 25 12.72 30.95 -4.48
CA PHE L 25 13.71 30.21 -3.72
C PHE L 25 14.17 28.94 -4.42
N VAL L 26 15.48 28.72 -4.43
CA VAL L 26 16.06 27.49 -4.99
C VAL L 26 17.19 26.97 -4.12
N SER L 27 17.10 25.71 -3.73
CA SER L 27 18.11 25.10 -2.88
C SER L 27 18.58 23.78 -3.48
N VAL L 28 19.89 23.61 -3.57
CA VAL L 28 20.45 22.36 -4.07
C VAL L 28 21.22 21.63 -2.97
N THR L 29 20.86 20.37 -2.74
CA THR L 29 21.52 19.56 -1.72
C THR L 29 22.26 18.37 -2.34
N GLU L 30 23.40 18.03 -1.76
CA GLU L 30 24.22 16.94 -2.27
C GLU L 30 23.72 15.58 -1.80
N THR L 31 23.43 14.69 -2.76
CA THR L 31 22.91 13.37 -2.46
C THR L 31 24.03 12.32 -2.50
N THR L 32 23.64 11.06 -2.70
CA THR L 32 24.60 9.95 -2.75
C THR L 32 23.99 8.76 -3.47
N VAL L 35 21.12 14.40 -6.91
CA VAL L 35 21.09 15.86 -6.96
C VAL L 35 19.68 16.40 -6.71
N ILE L 36 19.24 16.34 -5.46
CA ILE L 36 17.91 16.84 -5.11
C ILE L 36 17.94 18.35 -4.90
N HIS L 37 17.10 19.06 -5.64
CA HIS L 37 17.00 20.50 -5.50
C HIS L 37 15.60 21.01 -5.82
N ASN L 38 14.92 21.55 -4.81
CA ASN L 38 13.55 22.03 -4.98
C ASN L 38 13.47 23.54 -5.00
N SER L 39 12.41 24.06 -5.60
CA SER L 39 12.18 25.49 -5.65
C SER L 39 10.77 25.82 -5.16
N MET L 40 10.60 27.02 -4.63
CA MET L 40 9.33 27.41 -4.03
C MET L 40 9.15 28.92 -4.05
N CYS L 41 7.96 29.37 -3.68
CA CYS L 41 7.68 30.78 -3.51
C CYS L 41 7.49 31.08 -2.02
N ILE L 42 8.13 32.13 -1.54
CA ILE L 42 7.97 32.54 -0.15
C ILE L 42 7.42 33.96 -0.06
N ALA L 43 6.19 34.07 0.43
CA ALA L 43 5.54 35.37 0.55
C ALA L 43 6.37 36.31 1.43
N GLU L 44 6.23 37.61 1.19
CA GLU L 44 6.98 38.62 1.93
C GLU L 44 6.68 38.55 3.42
N ILE L 45 5.43 38.25 3.75
CA ILE L 45 4.99 38.13 5.13
C ILE L 45 5.85 37.12 5.89
N ASP L 46 6.48 36.22 5.14
CA ASP L 46 7.37 35.22 5.73
C ASP L 46 8.85 35.50 5.47
N LEU L 47 9.14 36.72 5.01
CA LEU L 47 10.52 37.20 4.98
C LEU L 47 10.82 37.77 6.34
N ILE L 48 11.68 37.09 7.11
CA ILE L 48 12.01 37.55 8.45
C ILE L 48 13.51 37.55 8.68
N PRO L 49 14.13 38.75 8.70
CA PRO L 49 13.52 40.06 8.49
C PRO L 49 13.56 40.47 7.02
N ARG L 50 12.70 41.39 6.61
CA ARG L 50 12.65 41.83 5.23
C ARG L 50 14.01 42.25 4.66
N ASP L 51 14.74 43.07 5.42
CA ASP L 51 16.02 43.58 4.95
C ASP L 51 17.01 42.45 4.65
N ARG L 52 16.98 41.41 5.48
CA ARG L 52 17.83 40.24 5.29
C ARG L 52 17.12 39.00 5.85
N PRO L 53 16.22 38.41 5.05
CA PRO L 53 15.50 37.21 5.46
C PRO L 53 16.46 36.06 5.68
N PHE L 54 16.38 35.42 6.85
CA PHE L 54 17.30 34.32 7.17
C PHE L 54 17.03 33.14 6.25
N VAL L 55 15.85 33.11 5.66
CA VAL L 55 15.46 32.03 4.76
C VAL L 55 16.30 32.05 3.50
N CYS L 56 16.80 33.23 3.14
CA CYS L 56 17.58 33.39 1.92
C CYS L 56 19.09 33.39 2.20
N ALA L 57 19.45 33.36 3.47
CA ALA L 57 20.85 33.25 3.89
C ALA L 57 21.13 31.83 4.35
N PRO L 58 21.39 30.93 3.38
CA PRO L 58 21.48 29.47 3.55
C PRO L 58 22.31 29.05 4.75
N SER L 59 21.96 27.91 5.33
CA SER L 59 22.73 27.31 6.42
C SER L 59 23.65 26.24 5.84
N SER L 60 24.18 25.39 6.72
CA SER L 60 25.06 24.31 6.30
C SER L 60 24.29 23.20 5.61
N VAL L 65 25.59 20.32 3.43
CA VAL L 65 26.09 20.53 2.08
C VAL L 65 24.98 21.03 1.16
N THR L 66 24.59 22.29 1.32
CA THR L 66 23.51 22.87 0.54
C THR L 66 23.91 24.20 -0.08
N THR L 67 23.14 24.64 -1.08
CA THR L 67 23.39 25.91 -1.75
C THR L 67 22.09 26.58 -2.15
N THR L 68 21.57 27.46 -1.29
CA THR L 68 20.32 28.14 -1.54
C THR L 68 20.56 29.59 -1.95
N TYR L 69 19.60 30.17 -2.67
CA TYR L 69 19.65 31.59 -3.02
C TYR L 69 18.31 32.10 -3.53
N CYS L 70 18.07 33.38 -3.34
CA CYS L 70 16.80 34.00 -3.73
C CYS L 70 16.95 34.92 -4.94
N CYS L 71 15.85 35.14 -5.65
CA CYS L 71 15.83 36.02 -6.81
C CYS L 71 14.44 36.60 -7.04
N ASN L 72 14.37 37.78 -7.65
CA ASN L 72 13.10 38.49 -7.79
C ASN L 72 12.63 38.67 -9.24
N GLN L 73 12.97 37.73 -10.09
CA GLN L 73 12.52 37.75 -11.48
C GLN L 73 11.81 36.46 -11.85
N ASP L 74 10.70 36.60 -12.58
CA ASP L 74 9.88 35.46 -12.99
C ASP L 74 10.70 34.23 -13.40
N HIS L 75 10.31 33.08 -12.87
CA HIS L 75 10.97 31.81 -13.19
C HIS L 75 12.49 31.89 -13.15
N CYS L 76 13.03 32.48 -12.08
CA CYS L 76 14.48 32.56 -11.91
C CYS L 76 14.97 31.42 -11.02
N ASN L 77 14.07 30.50 -10.68
CA ASN L 77 14.41 29.32 -9.89
C ASN L 77 15.16 28.30 -10.74
N LYS L 78 16.26 28.72 -11.37
CA LYS L 78 17.01 27.84 -12.27
C LYS L 78 16.06 27.04 -13.17
#